data_5N6A
#
_entry.id   5N6A
#
_cell.length_a   87.660
_cell.length_b   149.830
_cell.length_c   154.260
_cell.angle_alpha   90.00
_cell.angle_beta   90.00
_cell.angle_gamma   90.00
#
_symmetry.space_group_name_H-M   'C 2 2 21'
#
loop_
_entity.id
_entity.type
_entity.pdbx_description
1 polymer Myosin-7
2 non-polymer "ADENOSINE-5'-DIPHOSPHATE"
3 non-polymer 'PHOSPHATE ION'
4 non-polymer 'MAGNESIUM ION'
5 non-polymer GLYCEROL
6 water water
#
_entity_poly.entity_id   1
_entity_poly.type   'polypeptide(L)'
_entity_poly.pdbx_seq_one_letter_code
;MVDAEMAAFGEAAPYLRKSEKERLEAQTRPFDLKKDVFVPDDKEEFVKATILSREGGKVTAETEHGKTVTVKEDQVLQQN
PPKFDKIEDMAMLTFLHEPAVLYNLKERYASWMIYTYSGLFCVTINPYKWLPVYNAEVVAAYRGKKRSEAPPHIFSISDN
AYQYMLTDRENQSILITGESGAGKTVNTKRVIQYFAVIAAIGDRSKKEQATGKGTLEDQIIQANPALEAFGNAKTVRNDN
SSRFGKFIRIHFGATGKLASADIETYLLEKSRVIFQLKAERDYHIFYQILSNKKPELLDMLLITNNPYDYAFISQGETTV
ASIDDAEELMATDNAFDVLGFTTEEKNSMYKLTGAIMHFGNMKFKLKQREEQAEPDGTEEADKSAYLMGLNSADLLKGLC
HPRVKVGNEYVTKGQNVQQVVYAKGALAKAVYERMFNWMVTRINATLETKQPRQYFIGVLDIAGFEIFDFNSFEQLCINF
TNEKLQQFFNHHMFVLEQEEYKKEGIEWEFIDFGMDLQACIDLIEKPMGIMSILEEECMFPKATDMTFKAKLFDNHLGKS
SNFQKPRNIKGKPEAHFSLIHYAGTVDYNIIGWLQKNKDPLNETVVDLYKKSSLKMLSSLFANYAGFDTPIEKGKGKAKK
GSSFQTVSALHRENLNKLMTNLRSTHPHFVRCIIPNETKSPGVIDNPLVMHQLRCNGVLEGIRICRKGFPNRILYGDFRQ
RYRILNPAAIPEGQFIDSRKGAEKLLGSLDIDHNQYKFGHTKVFFKAGLLGLLEEMRDERLSRIITRIQAQSRGVLSRME
FKKLLERRDSLLIIQWNIRAFMGVKNWP
;
_entity_poly.pdbx_strand_id   A
#
loop_
_chem_comp.id
_chem_comp.type
_chem_comp.name
_chem_comp.formula
ADP non-polymer ADENOSINE-5'-DIPHOSPHATE 'C10 H15 N5 O10 P2'
GOL non-polymer GLYCEROL 'C3 H8 O3'
MG non-polymer 'MAGNESIUM ION' 'Mg 2'
PO4 non-polymer 'PHOSPHATE ION' 'O4 P -3'
#
# COMPACT_ATOMS: atom_id res chain seq x y z
N GLY A 10 -25.09 -20.96 -22.54
CA GLY A 10 -23.98 -20.20 -23.07
C GLY A 10 -22.68 -20.46 -22.33
N GLU A 11 -21.73 -19.47 -22.40
CA GLU A 11 -20.40 -19.49 -21.77
C GLU A 11 -19.76 -18.10 -21.80
N ALA A 12 -18.42 -18.05 -22.03
CA ALA A 12 -17.59 -16.85 -22.12
C ALA A 12 -17.29 -16.56 -23.60
N ALA A 13 -17.94 -17.31 -24.51
CA ALA A 13 -17.83 -17.20 -25.96
C ALA A 13 -18.90 -16.29 -26.65
N PRO A 14 -20.18 -16.16 -26.16
CA PRO A 14 -21.10 -15.22 -26.85
C PRO A 14 -20.73 -13.77 -26.54
N TYR A 15 -20.95 -12.86 -27.49
CA TYR A 15 -20.57 -11.46 -27.28
C TYR A 15 -21.59 -10.73 -26.38
N LEU A 16 -21.47 -10.95 -25.04
CA LEU A 16 -22.33 -10.35 -24.01
C LEU A 16 -21.70 -10.37 -22.61
N ARG A 17 -21.47 -9.16 -22.07
CA ARG A 17 -20.93 -8.78 -20.74
C ARG A 17 -19.47 -9.17 -20.50
N LYS A 18 -19.13 -10.47 -20.51
CA LYS A 18 -17.75 -10.92 -20.30
C LYS A 18 -16.91 -10.63 -21.54
N SER A 19 -17.44 -10.99 -22.73
CA SER A 19 -16.77 -10.75 -24.01
C SER A 19 -16.83 -9.26 -24.34
N GLU A 20 -17.88 -8.56 -23.84
CA GLU A 20 -18.06 -7.11 -24.04
C GLU A 20 -16.98 -6.32 -23.31
N LYS A 21 -16.69 -6.69 -22.05
CA LYS A 21 -15.73 -5.99 -21.19
C LYS A 21 -14.26 -6.55 -21.28
N GLU A 22 -13.95 -7.39 -22.28
N GLU A 22 -13.98 -7.41 -22.28
CA GLU A 22 -12.61 -7.95 -22.52
CA GLU A 22 -12.66 -7.99 -22.58
C GLU A 22 -12.35 -8.08 -24.04
C GLU A 22 -12.45 -8.00 -24.10
N ARG A 23 -11.55 -7.12 -24.59
CA ARG A 23 -11.18 -6.94 -26.02
C ARG A 23 -12.36 -6.50 -26.93
N LEU A 24 -12.09 -6.34 -28.26
CA LEU A 24 -13.03 -5.96 -29.33
C LEU A 24 -12.40 -6.14 -30.71
N GLU A 25 -13.19 -6.62 -31.68
CA GLU A 25 -12.76 -6.91 -33.05
C GLU A 25 -12.85 -5.71 -34.00
N ALA A 26 -11.87 -5.59 -34.92
CA ALA A 26 -11.81 -4.56 -35.97
C ALA A 26 -12.22 -5.20 -37.30
N GLN A 27 -12.46 -4.42 -38.39
CA GLN A 27 -12.88 -5.02 -39.68
C GLN A 27 -11.95 -4.67 -40.88
N THR A 28 -10.90 -3.85 -40.65
CA THR A 28 -9.88 -3.49 -41.64
C THR A 28 -8.55 -4.05 -41.16
N ARG A 29 -7.85 -4.73 -42.06
CA ARG A 29 -6.59 -5.33 -41.71
C ARG A 29 -5.46 -4.73 -42.50
N PRO A 30 -4.77 -3.79 -41.86
CA PRO A 30 -3.64 -3.07 -42.41
C PRO A 30 -2.43 -3.73 -41.83
N PHE A 31 -1.98 -4.79 -42.47
CA PHE A 31 -0.86 -5.53 -41.95
C PHE A 31 0.37 -5.48 -42.87
N ASP A 32 0.44 -6.41 -43.81
CA ASP A 32 1.52 -6.46 -44.79
C ASP A 32 2.93 -6.57 -44.25
N LEU A 33 3.88 -6.14 -45.07
CA LEU A 33 5.27 -6.21 -44.70
C LEU A 33 5.80 -4.90 -44.20
N LYS A 34 4.92 -4.09 -43.64
CA LYS A 34 5.32 -2.81 -43.13
C LYS A 34 5.91 -3.05 -41.77
N LYS A 35 7.18 -2.71 -41.61
CA LYS A 35 7.88 -2.84 -40.34
C LYS A 35 8.02 -1.45 -39.70
N ASP A 36 7.89 -1.37 -38.35
CA ASP A 36 7.96 -0.09 -37.64
C ASP A 36 8.94 -0.07 -36.47
N VAL A 37 9.20 1.15 -35.95
CA VAL A 37 10.09 1.48 -34.83
C VAL A 37 9.50 2.63 -33.98
N PHE A 38 9.67 2.57 -32.66
CA PHE A 38 9.21 3.62 -31.78
C PHE A 38 10.37 4.60 -31.56
N VAL A 39 10.13 5.91 -31.83
CA VAL A 39 11.17 6.94 -31.77
C VAL A 39 10.80 8.17 -30.87
N PRO A 40 11.73 8.65 -29.98
CA PRO A 40 11.42 9.82 -29.14
C PRO A 40 12.03 11.13 -29.65
N ASP A 41 11.95 12.20 -28.83
CA ASP A 41 12.49 13.54 -29.13
C ASP A 41 13.18 14.18 -27.88
N ASP A 42 14.21 13.46 -27.36
CA ASP A 42 15.05 13.79 -26.20
C ASP A 42 14.26 13.84 -24.86
N LYS A 43 13.17 13.05 -24.82
CA LYS A 43 12.22 12.83 -23.71
C LYS A 43 11.54 11.46 -23.89
N GLU A 44 11.10 10.80 -22.79
CA GLU A 44 10.42 9.49 -22.81
C GLU A 44 8.96 9.59 -23.29
N GLU A 45 8.79 9.93 -24.57
CA GLU A 45 7.53 10.05 -25.30
C GLU A 45 7.89 9.74 -26.75
N PHE A 46 7.36 8.61 -27.25
CA PHE A 46 7.65 8.07 -28.58
C PHE A 46 6.46 8.13 -29.56
N VAL A 47 6.74 7.95 -30.88
CA VAL A 47 5.77 7.86 -31.99
C VAL A 47 6.27 6.78 -32.98
N LYS A 48 5.33 6.12 -33.72
CA LYS A 48 5.63 5.10 -34.72
C LYS A 48 6.39 5.72 -35.89
N ALA A 49 7.22 4.91 -36.57
CA ALA A 49 8.03 5.36 -37.70
C ALA A 49 8.26 4.20 -38.64
N THR A 50 7.83 4.32 -39.92
CA THR A 50 8.02 3.27 -40.92
C THR A 50 9.52 3.13 -41.14
N ILE A 51 10.03 1.89 -41.14
CA ILE A 51 11.45 1.64 -41.40
C ILE A 51 11.63 1.69 -42.92
N LEU A 52 12.58 2.51 -43.40
CA LEU A 52 12.82 2.73 -44.82
C LEU A 52 13.99 1.94 -45.42
N SER A 53 15.14 1.86 -44.73
CA SER A 53 16.32 1.12 -45.22
C SER A 53 17.03 0.39 -44.07
N ARG A 54 17.86 -0.64 -44.39
CA ARG A 54 18.60 -1.38 -43.37
C ARG A 54 19.87 -2.09 -43.87
N GLU A 55 20.93 -2.12 -43.00
CA GLU A 55 22.23 -2.80 -43.14
C GLU A 55 22.96 -2.82 -41.80
N GLY A 56 23.80 -1.81 -41.54
CA GLY A 56 24.50 -1.66 -40.26
C GLY A 56 23.55 -1.11 -39.21
N GLY A 57 22.63 -0.27 -39.68
CA GLY A 57 21.58 0.35 -38.88
C GLY A 57 20.23 0.26 -39.58
N LYS A 58 19.32 1.17 -39.22
CA LYS A 58 17.97 1.24 -39.75
C LYS A 58 17.55 2.67 -40.03
N VAL A 59 17.35 3.03 -41.30
CA VAL A 59 16.90 4.35 -41.70
C VAL A 59 15.39 4.37 -41.46
N THR A 60 14.87 5.35 -40.69
CA THR A 60 13.44 5.38 -40.36
C THR A 60 12.77 6.64 -40.90
N ALA A 61 11.64 6.45 -41.61
CA ALA A 61 10.82 7.48 -42.25
C ALA A 61 10.15 8.46 -41.29
N GLU A 62 9.44 7.99 -40.25
CA GLU A 62 8.76 8.83 -39.25
C GLU A 62 7.54 9.59 -39.86
N THR A 63 7.76 10.59 -40.76
CA THR A 63 6.79 11.44 -41.49
C THR A 63 5.94 12.36 -40.58
N GLU A 64 6.03 12.20 -39.24
CA GLU A 64 5.25 12.95 -38.25
C GLU A 64 5.53 14.47 -38.22
N HIS A 65 6.74 14.88 -38.61
CA HIS A 65 7.19 16.29 -38.68
C HIS A 65 8.36 16.48 -39.68
N GLY A 66 8.59 15.45 -40.49
CA GLY A 66 9.63 15.42 -41.50
C GLY A 66 9.78 14.07 -42.14
N LYS A 67 11.00 13.50 -42.09
CA LYS A 67 11.32 12.19 -42.67
C LYS A 67 12.60 11.56 -42.07
N THR A 68 13.36 10.87 -42.94
CA THR A 68 14.60 10.12 -42.79
C THR A 68 15.55 10.60 -41.65
N VAL A 69 15.94 9.63 -40.79
CA VAL A 69 16.89 9.70 -39.66
C VAL A 69 17.53 8.31 -39.44
N THR A 70 18.77 8.13 -39.96
CA THR A 70 19.56 6.88 -39.95
C THR A 70 19.88 6.35 -38.55
N VAL A 71 20.22 7.26 -37.62
CA VAL A 71 20.63 6.95 -36.25
C VAL A 71 19.58 6.08 -35.48
N LYS A 72 19.74 4.75 -35.60
CA LYS A 72 18.93 3.71 -34.94
C LYS A 72 19.91 2.64 -34.45
N GLU A 73 20.69 2.05 -35.38
CA GLU A 73 21.76 1.08 -35.16
C GLU A 73 21.39 -0.12 -34.27
N ASP A 74 22.21 -0.38 -33.22
CA ASP A 74 22.14 -1.48 -32.25
C ASP A 74 21.09 -1.28 -31.17
N GLN A 75 20.88 -0.02 -30.74
CA GLN A 75 19.89 0.40 -29.75
C GLN A 75 18.51 0.09 -30.33
N VAL A 76 18.18 0.78 -31.45
CA VAL A 76 16.99 0.71 -32.33
C VAL A 76 15.64 0.49 -31.56
N LEU A 77 15.35 -0.74 -31.06
CA LEU A 77 14.14 -1.19 -30.36
C LEU A 77 12.84 -0.87 -31.18
N GLN A 78 12.37 -1.89 -31.92
CA GLN A 78 11.26 -1.86 -32.88
C GLN A 78 9.83 -2.03 -32.32
N GLN A 79 8.83 -1.75 -33.18
CA GLN A 79 7.40 -1.88 -32.94
C GLN A 79 6.97 -3.31 -33.28
N ASN A 80 6.14 -3.90 -32.42
CA ASN A 80 5.63 -5.25 -32.62
C ASN A 80 4.44 -5.27 -33.59
N PRO A 81 4.35 -6.29 -34.48
CA PRO A 81 3.21 -6.38 -35.42
C PRO A 81 1.83 -6.09 -34.80
N PRO A 82 0.96 -5.36 -35.49
CA PRO A 82 -0.32 -5.06 -34.89
C PRO A 82 -1.12 -6.27 -34.49
N LYS A 83 -0.57 -7.44 -34.73
CA LYS A 83 -1.22 -8.68 -34.42
C LYS A 83 -1.17 -8.85 -32.92
N PHE A 84 -0.06 -8.44 -32.32
CA PHE A 84 0.13 -8.47 -30.88
C PHE A 84 -0.59 -7.33 -30.18
N ASP A 85 -0.62 -6.12 -30.78
CA ASP A 85 -1.24 -4.92 -30.18
C ASP A 85 -2.52 -5.27 -29.43
N LYS A 86 -2.52 -4.98 -28.11
CA LYS A 86 -3.59 -5.26 -27.12
C LYS A 86 -3.61 -6.73 -26.62
N ILE A 87 -2.44 -7.44 -26.61
CA ILE A 87 -2.34 -8.84 -26.14
C ILE A 87 -2.50 -8.92 -24.61
N GLU A 88 -2.87 -10.10 -24.08
CA GLU A 88 -3.16 -10.36 -22.68
C GLU A 88 -1.93 -10.69 -21.81
N ASP A 89 -0.90 -11.32 -22.39
CA ASP A 89 0.34 -11.67 -21.68
C ASP A 89 1.50 -11.13 -22.51
N MET A 90 2.29 -10.22 -21.91
CA MET A 90 3.43 -9.56 -22.57
C MET A 90 4.62 -10.45 -22.88
N ALA A 91 4.76 -11.59 -22.17
CA ALA A 91 5.83 -12.57 -22.41
C ALA A 91 5.67 -13.25 -23.81
N MET A 92 4.63 -12.83 -24.57
CA MET A 92 4.28 -13.33 -25.91
C MET A 92 4.85 -12.45 -27.03
N LEU A 93 5.12 -11.15 -26.72
CA LEU A 93 5.67 -10.13 -27.62
C LEU A 93 7.04 -10.49 -28.18
N THR A 94 7.23 -10.35 -29.51
CA THR A 94 8.52 -10.64 -30.16
C THR A 94 9.60 -9.61 -29.73
N PHE A 95 9.24 -8.31 -29.68
CA PHE A 95 10.14 -7.23 -29.25
C PHE A 95 9.73 -6.75 -27.86
N LEU A 96 10.71 -6.60 -26.95
CA LEU A 96 10.41 -6.18 -25.58
C LEU A 96 11.25 -4.99 -25.06
N HIS A 97 10.58 -3.84 -24.89
CA HIS A 97 11.12 -2.60 -24.34
C HIS A 97 10.04 -1.58 -23.94
N GLU A 98 10.38 -0.59 -23.12
CA GLU A 98 9.48 0.46 -22.60
C GLU A 98 8.40 0.93 -23.57
N PRO A 99 8.68 1.36 -24.84
CA PRO A 99 7.57 1.76 -25.72
C PRO A 99 6.66 0.60 -26.10
N ALA A 100 7.24 -0.56 -26.50
CA ALA A 100 6.48 -1.75 -26.86
C ALA A 100 5.54 -2.19 -25.72
N VAL A 101 6.02 -2.11 -24.47
CA VAL A 101 5.25 -2.47 -23.28
C VAL A 101 4.17 -1.42 -22.95
N LEU A 102 4.52 -0.11 -22.92
CA LEU A 102 3.53 0.96 -22.69
C LEU A 102 2.36 0.88 -23.69
N TYR A 103 2.67 0.74 -25.00
CA TYR A 103 1.67 0.72 -26.06
C TYR A 103 0.63 -0.39 -25.91
N ASN A 104 1.06 -1.58 -25.46
CA ASN A 104 0.15 -2.71 -25.28
C ASN A 104 -0.76 -2.44 -24.08
N LEU A 105 -0.22 -1.79 -23.02
CA LEU A 105 -0.97 -1.37 -21.84
C LEU A 105 -1.93 -0.23 -22.17
N LYS A 106 -1.56 0.66 -23.12
CA LYS A 106 -2.34 1.78 -23.62
C LYS A 106 -3.51 1.26 -24.49
N GLU A 107 -3.22 0.32 -25.41
CA GLU A 107 -4.19 -0.29 -26.33
C GLU A 107 -5.35 -0.93 -25.58
N ARG A 108 -5.02 -1.57 -24.44
CA ARG A 108 -5.99 -2.24 -23.57
C ARG A 108 -6.78 -1.22 -22.77
N TYR A 109 -6.07 -0.21 -22.20
CA TYR A 109 -6.65 0.85 -21.37
C TYR A 109 -7.70 1.66 -22.08
N ALA A 110 -7.43 2.05 -23.34
CA ALA A 110 -8.34 2.84 -24.15
C ALA A 110 -9.59 2.02 -24.55
N SER A 111 -9.52 0.67 -24.39
CA SER A 111 -10.59 -0.31 -24.64
C SER A 111 -11.20 -0.73 -23.27
N TRP A 112 -10.81 0.01 -22.20
CA TRP A 112 -11.19 -0.11 -20.79
C TRP A 112 -10.88 -1.47 -20.23
N MET A 113 -9.65 -1.91 -20.50
CA MET A 113 -9.09 -3.16 -20.03
C MET A 113 -7.94 -2.80 -19.11
N ILE A 114 -8.23 -2.73 -17.82
CA ILE A 114 -7.26 -2.30 -16.80
C ILE A 114 -6.22 -3.41 -16.49
N TYR A 115 -6.64 -4.69 -16.51
CA TYR A 115 -5.76 -5.83 -16.21
C TYR A 115 -5.04 -6.36 -17.44
N THR A 116 -3.74 -6.69 -17.26
CA THR A 116 -2.84 -7.28 -18.26
C THR A 116 -1.81 -8.16 -17.52
N TYR A 117 -1.45 -9.31 -18.10
CA TYR A 117 -0.44 -10.16 -17.50
C TYR A 117 0.92 -9.73 -18.03
N SER A 118 1.95 -9.87 -17.20
CA SER A 118 3.32 -9.54 -17.52
C SER A 118 4.20 -10.69 -16.99
N GLY A 119 4.31 -11.74 -17.81
CA GLY A 119 5.05 -12.94 -17.47
C GLY A 119 4.18 -13.75 -16.55
N LEU A 120 4.22 -13.45 -15.25
CA LEU A 120 3.40 -14.13 -14.26
C LEU A 120 2.47 -13.13 -13.59
N PHE A 121 3.07 -12.25 -12.75
CA PHE A 121 2.48 -11.18 -11.96
C PHE A 121 1.51 -10.33 -12.76
N CYS A 122 0.34 -10.04 -12.17
CA CYS A 122 -0.71 -9.24 -12.80
C CYS A 122 -0.39 -7.76 -12.74
N VAL A 123 -0.85 -7.00 -13.74
CA VAL A 123 -0.66 -5.55 -13.83
C VAL A 123 -2.03 -4.87 -13.96
N THR A 124 -2.32 -3.85 -13.10
CA THR A 124 -3.59 -3.09 -13.08
C THR A 124 -3.42 -1.57 -13.18
N ILE A 125 -3.87 -0.95 -14.30
CA ILE A 125 -3.79 0.53 -14.48
C ILE A 125 -5.12 1.19 -14.05
N ASN A 126 -5.13 1.88 -12.88
CA ASN A 126 -6.30 2.57 -12.30
C ASN A 126 -7.25 3.27 -13.33
N PRO A 127 -8.57 2.95 -13.39
CA PRO A 127 -9.42 3.60 -14.40
C PRO A 127 -9.95 4.97 -14.02
N TYR A 128 -10.15 5.22 -12.72
CA TYR A 128 -10.73 6.45 -12.16
C TYR A 128 -12.17 6.67 -12.66
N LYS A 129 -12.88 5.55 -12.85
CA LYS A 129 -14.27 5.41 -13.26
C LYS A 129 -14.70 3.98 -12.88
N TRP A 130 -15.97 3.75 -12.52
CA TRP A 130 -16.39 2.42 -12.08
C TRP A 130 -16.88 1.55 -13.24
N LEU A 131 -16.02 0.58 -13.61
CA LEU A 131 -16.21 -0.41 -14.68
C LEU A 131 -17.03 -1.62 -14.19
N PRO A 132 -18.08 -2.05 -14.92
CA PRO A 132 -18.89 -3.20 -14.44
C PRO A 132 -18.28 -4.57 -14.73
N VAL A 133 -17.15 -4.89 -14.07
CA VAL A 133 -16.40 -6.14 -14.22
C VAL A 133 -16.29 -6.93 -12.89
N TYR A 134 -16.95 -6.42 -11.83
CA TYR A 134 -16.97 -7.00 -10.50
C TYR A 134 -18.43 -7.21 -10.11
N ASN A 135 -19.00 -8.33 -10.57
CA ASN A 135 -20.39 -8.72 -10.32
C ASN A 135 -20.44 -10.15 -9.84
N ALA A 136 -21.60 -10.55 -9.25
CA ALA A 136 -21.83 -11.92 -8.79
C ALA A 136 -21.74 -12.82 -10.02
N GLU A 137 -22.34 -12.36 -11.14
CA GLU A 137 -22.36 -13.04 -12.45
C GLU A 137 -20.93 -13.30 -12.95
N VAL A 138 -19.97 -12.44 -12.56
CA VAL A 138 -18.57 -12.52 -12.94
C VAL A 138 -17.80 -13.47 -12.01
N VAL A 139 -18.04 -13.37 -10.68
CA VAL A 139 -17.43 -14.22 -9.66
C VAL A 139 -17.71 -15.68 -9.98
N ALA A 140 -18.96 -15.98 -10.39
CA ALA A 140 -19.42 -17.30 -10.82
C ALA A 140 -18.74 -17.69 -12.15
N ALA A 141 -18.62 -16.73 -13.11
CA ALA A 141 -17.99 -16.92 -14.43
C ALA A 141 -16.48 -17.15 -14.34
N TYR A 142 -15.90 -16.93 -13.15
CA TYR A 142 -14.47 -17.08 -12.87
C TYR A 142 -14.11 -18.25 -11.94
N ARG A 143 -15.13 -18.88 -11.31
CA ARG A 143 -14.96 -20.00 -10.37
C ARG A 143 -14.25 -21.19 -11.02
N GLY A 144 -13.05 -21.47 -10.50
CA GLY A 144 -12.15 -22.54 -10.91
C GLY A 144 -11.85 -22.63 -12.39
N LYS A 145 -11.18 -21.60 -12.93
CA LYS A 145 -10.79 -21.56 -14.34
C LYS A 145 -9.34 -21.09 -14.52
N LYS A 146 -8.56 -21.87 -15.31
CA LYS A 146 -7.14 -21.67 -15.63
C LYS A 146 -6.78 -20.29 -16.18
N ARG A 147 -5.51 -19.87 -16.01
CA ARG A 147 -4.94 -18.60 -16.48
C ARG A 147 -5.06 -18.48 -18.01
N SER A 148 -4.76 -19.57 -18.73
CA SER A 148 -4.88 -19.62 -20.19
C SER A 148 -6.37 -19.62 -20.59
N GLU A 149 -7.23 -20.26 -19.77
CA GLU A 149 -8.69 -20.37 -19.96
C GLU A 149 -9.45 -19.06 -19.64
N ALA A 150 -8.88 -18.21 -18.75
CA ALA A 150 -9.49 -16.96 -18.30
C ALA A 150 -8.65 -15.71 -18.53
N PRO A 151 -9.24 -14.63 -19.11
CA PRO A 151 -8.47 -13.37 -19.37
C PRO A 151 -8.02 -12.62 -18.10
N PRO A 152 -6.98 -11.74 -18.16
CA PRO A 152 -6.55 -11.01 -16.96
C PRO A 152 -7.65 -10.36 -16.15
N HIS A 153 -7.62 -10.58 -14.82
CA HIS A 153 -8.58 -10.08 -13.83
C HIS A 153 -8.08 -10.47 -12.42
N ILE A 154 -8.24 -9.57 -11.42
CA ILE A 154 -7.86 -9.85 -10.03
C ILE A 154 -8.66 -11.07 -9.50
N PHE A 155 -9.84 -11.38 -10.12
CA PHE A 155 -10.62 -12.57 -9.76
C PHE A 155 -9.92 -13.84 -10.19
N SER A 156 -9.10 -13.78 -11.27
CA SER A 156 -8.33 -14.93 -11.74
C SER A 156 -7.09 -15.16 -10.87
N ILE A 157 -6.36 -14.07 -10.53
CA ILE A 157 -5.15 -14.10 -9.69
C ILE A 157 -5.48 -14.63 -8.30
N SER A 158 -6.60 -14.14 -7.71
CA SER A 158 -7.09 -14.56 -6.39
C SER A 158 -7.59 -16.00 -6.45
N ASP A 159 -8.19 -16.41 -7.60
CA ASP A 159 -8.64 -17.80 -7.80
C ASP A 159 -7.44 -18.74 -7.88
N ASN A 160 -6.41 -18.36 -8.67
CA ASN A 160 -5.16 -19.09 -8.89
C ASN A 160 -4.44 -19.33 -7.56
N ALA A 161 -4.44 -18.33 -6.66
CA ALA A 161 -3.84 -18.42 -5.33
C ALA A 161 -4.63 -19.45 -4.55
N TYR A 162 -5.98 -19.33 -4.52
CA TYR A 162 -6.87 -20.26 -3.83
C TYR A 162 -6.72 -21.70 -4.33
N GLN A 163 -6.53 -21.88 -5.65
CA GLN A 163 -6.34 -23.18 -6.28
C GLN A 163 -4.98 -23.78 -5.87
N TYR A 164 -3.92 -22.94 -5.82
CA TYR A 164 -2.56 -23.34 -5.43
C TYR A 164 -2.46 -23.73 -3.96
N MET A 165 -3.27 -23.12 -3.06
CA MET A 165 -3.24 -23.48 -1.65
C MET A 165 -3.94 -24.82 -1.39
N LEU A 166 -4.69 -25.32 -2.38
CA LEU A 166 -5.42 -26.61 -2.35
C LEU A 166 -4.66 -27.70 -3.11
N THR A 167 -4.08 -27.37 -4.29
CA THR A 167 -3.31 -28.29 -5.13
C THR A 167 -1.90 -28.56 -4.56
N ASP A 168 -1.19 -27.51 -4.09
CA ASP A 168 0.17 -27.60 -3.54
C ASP A 168 0.19 -27.73 -2.00
N ARG A 169 -0.97 -27.56 -1.34
CA ARG A 169 -1.17 -27.62 0.11
C ARG A 169 -0.09 -26.84 0.89
N GLU A 170 -0.14 -25.50 0.76
CA GLU A 170 0.75 -24.51 1.38
C GLU A 170 0.05 -23.15 1.44
N ASN A 171 0.55 -22.24 2.32
CA ASN A 171 0.00 -20.89 2.47
C ASN A 171 0.34 -20.01 1.26
N GLN A 172 -0.62 -19.18 0.83
CA GLN A 172 -0.41 -18.27 -0.31
C GLN A 172 -0.58 -16.84 0.14
N SER A 173 0.07 -15.88 -0.55
CA SER A 173 -0.02 -14.46 -0.23
C SER A 173 -0.09 -13.60 -1.49
N ILE A 174 -1.16 -12.81 -1.64
CA ILE A 174 -1.36 -11.89 -2.77
C ILE A 174 -0.83 -10.53 -2.33
N LEU A 175 0.22 -10.02 -3.02
CA LEU A 175 0.92 -8.76 -2.72
C LEU A 175 0.70 -7.70 -3.76
N ILE A 176 -0.01 -6.65 -3.36
CA ILE A 176 -0.37 -5.54 -4.23
C ILE A 176 0.65 -4.37 -4.05
N THR A 177 1.27 -3.92 -5.17
CA THR A 177 2.34 -2.91 -5.26
C THR A 177 1.89 -1.66 -6.02
N GLY A 178 1.77 -0.55 -5.31
CA GLY A 178 1.40 0.70 -5.95
C GLY A 178 1.70 1.97 -5.18
N GLU A 179 1.70 3.11 -5.90
CA GLU A 179 1.88 4.46 -5.36
C GLU A 179 0.54 4.87 -4.73
N SER A 180 0.51 6.01 -4.01
CA SER A 180 -0.73 6.51 -3.41
C SER A 180 -1.76 6.85 -4.48
N GLY A 181 -2.88 6.14 -4.42
CA GLY A 181 -4.01 6.23 -5.34
C GLY A 181 -3.89 5.33 -6.55
N ALA A 182 -3.14 4.21 -6.45
CA ALA A 182 -2.91 3.31 -7.57
C ALA A 182 -3.94 2.17 -7.71
N GLY A 183 -4.84 2.04 -6.72
CA GLY A 183 -5.91 1.04 -6.72
C GLY A 183 -5.76 -0.16 -5.81
N LYS A 184 -4.74 -0.16 -4.94
CA LYS A 184 -4.41 -1.22 -3.97
C LYS A 184 -5.59 -1.59 -3.09
N THR A 185 -6.15 -0.61 -2.36
CA THR A 185 -7.30 -0.78 -1.46
C THR A 185 -8.51 -1.33 -2.24
N VAL A 186 -8.83 -0.73 -3.42
CA VAL A 186 -9.98 -1.15 -4.25
C VAL A 186 -9.74 -2.57 -4.84
N ASN A 187 -8.46 -2.99 -5.01
CA ASN A 187 -8.14 -4.34 -5.48
C ASN A 187 -8.30 -5.31 -4.32
N THR A 188 -7.66 -4.98 -3.17
CA THR A 188 -7.76 -5.72 -1.90
C THR A 188 -9.25 -5.99 -1.58
N LYS A 189 -10.12 -4.95 -1.75
CA LYS A 189 -11.57 -4.96 -1.56
C LYS A 189 -12.29 -6.04 -2.37
N ARG A 190 -11.82 -6.31 -3.60
CA ARG A 190 -12.41 -7.29 -4.50
C ARG A 190 -11.86 -8.71 -4.26
N VAL A 191 -10.60 -8.83 -3.80
CA VAL A 191 -9.97 -10.13 -3.49
C VAL A 191 -10.77 -10.80 -2.35
N ILE A 192 -11.14 -10.01 -1.32
CA ILE A 192 -11.96 -10.45 -0.18
C ILE A 192 -13.40 -10.64 -0.62
N GLN A 193 -13.88 -9.81 -1.58
CA GLN A 193 -15.24 -9.89 -2.17
C GLN A 193 -15.42 -11.22 -2.92
N TYR A 194 -14.36 -11.68 -3.61
CA TYR A 194 -14.32 -12.93 -4.37
C TYR A 194 -14.50 -14.16 -3.47
N PHE A 195 -13.62 -14.33 -2.46
CA PHE A 195 -13.60 -15.48 -1.55
C PHE A 195 -14.86 -15.73 -0.74
N ALA A 196 -15.56 -14.67 -0.31
CA ALA A 196 -16.81 -14.76 0.45
C ALA A 196 -17.91 -15.41 -0.39
N VAL A 197 -17.80 -15.28 -1.73
CA VAL A 197 -18.74 -15.86 -2.69
C VAL A 197 -17.97 -16.88 -3.59
N ILE A 198 -17.12 -17.72 -2.96
CA ILE A 198 -16.30 -18.78 -3.58
C ILE A 198 -16.18 -19.95 -2.62
N ALA A 199 -15.74 -19.67 -1.37
CA ALA A 199 -15.53 -20.68 -0.34
C ALA A 199 -16.54 -20.63 0.82
N ALA A 200 -17.14 -19.46 1.11
CA ALA A 200 -18.12 -19.34 2.19
C ALA A 200 -19.53 -19.70 1.73
N LEU A 216 -23.44 -13.71 9.37
CA LEU A 216 -22.67 -14.81 8.80
C LEU A 216 -21.25 -14.35 8.65
N GLU A 217 -20.65 -14.63 7.50
CA GLU A 217 -19.32 -14.18 7.21
C GLU A 217 -19.40 -13.10 6.14
N ASP A 218 -20.46 -12.32 6.25
CA ASP A 218 -20.69 -11.15 5.45
C ASP A 218 -19.88 -10.05 6.10
N GLN A 219 -19.72 -10.13 7.42
CA GLN A 219 -18.96 -9.25 8.25
C GLN A 219 -17.54 -9.04 7.77
N ILE A 220 -16.88 -10.10 7.28
CA ILE A 220 -15.52 -9.98 6.72
C ILE A 220 -15.53 -8.86 5.68
N ILE A 221 -16.62 -8.79 4.89
CA ILE A 221 -16.86 -7.77 3.89
C ILE A 221 -17.13 -6.41 4.57
N GLN A 222 -17.73 -6.40 5.78
CA GLN A 222 -18.09 -5.19 6.54
C GLN A 222 -16.96 -4.66 7.47
N ALA A 223 -15.86 -5.42 7.63
CA ALA A 223 -14.75 -5.01 8.50
C ALA A 223 -13.94 -3.87 7.89
N ASN A 224 -13.71 -3.94 6.59
CA ASN A 224 -12.96 -2.95 5.82
C ASN A 224 -13.67 -1.56 5.79
N PRO A 225 -14.98 -1.41 5.46
CA PRO A 225 -15.62 -0.07 5.54
C PRO A 225 -15.78 0.50 6.96
N ALA A 226 -15.47 -0.28 8.01
CA ALA A 226 -15.55 0.19 9.40
C ALA A 226 -14.20 0.78 9.79
N LEU A 227 -13.11 0.29 9.17
CA LEU A 227 -11.75 0.76 9.38
C LEU A 227 -11.37 1.81 8.31
N GLU A 228 -12.34 2.19 7.49
CA GLU A 228 -12.19 3.17 6.41
C GLU A 228 -12.49 4.59 6.94
N ALA A 229 -13.48 4.72 7.84
CA ALA A 229 -13.89 6.00 8.41
C ALA A 229 -12.83 6.58 9.38
N PHE A 230 -12.21 5.69 10.16
CA PHE A 230 -11.21 5.99 11.17
C PHE A 230 -9.80 5.84 10.65
N GLY A 231 -9.62 5.02 9.62
CA GLY A 231 -8.30 4.72 9.08
C GLY A 231 -7.88 5.43 7.81
N ASN A 232 -8.85 5.74 6.91
CA ASN A 232 -8.63 6.42 5.63
C ASN A 232 -9.04 7.88 5.74
N ALA A 233 -8.39 8.75 4.93
CA ALA A 233 -8.64 10.19 4.87
C ALA A 233 -8.25 10.75 3.50
N LYS A 234 -8.40 12.09 3.31
CA LYS A 234 -8.13 12.79 2.04
C LYS A 234 -6.74 13.48 1.96
N THR A 235 -5.89 12.99 1.04
CA THR A 235 -4.57 13.56 0.71
C THR A 235 -4.64 14.18 -0.71
N VAL A 236 -3.55 14.88 -1.15
CA VAL A 236 -3.53 15.52 -2.49
C VAL A 236 -3.33 14.48 -3.62
N ARG A 237 -2.91 13.25 -3.25
CA ARG A 237 -2.69 12.14 -4.20
C ARG A 237 -3.89 11.16 -4.22
N ASN A 238 -4.79 11.18 -3.19
CA ASN A 238 -5.97 10.30 -3.12
C ASN A 238 -7.05 10.77 -2.13
N ASP A 239 -8.32 10.74 -2.56
CA ASP A 239 -9.45 11.15 -1.72
C ASP A 239 -9.77 10.17 -0.59
N ASN A 240 -9.62 8.86 -0.85
CA ASN A 240 -9.82 7.80 0.15
C ASN A 240 -8.46 7.12 0.41
N SER A 241 -7.44 7.94 0.70
CA SER A 241 -6.07 7.49 0.97
C SER A 241 -5.95 6.70 2.28
N SER A 242 -5.48 5.45 2.19
CA SER A 242 -5.26 4.56 3.32
C SER A 242 -4.09 5.10 4.15
N ARG A 243 -4.41 5.68 5.33
CA ARG A 243 -3.39 6.20 6.23
C ARG A 243 -2.83 5.09 7.14
N PHE A 244 -2.89 3.80 6.68
CA PHE A 244 -2.36 2.65 7.42
C PHE A 244 -2.10 1.40 6.59
N GLY A 245 -1.08 0.64 6.98
CA GLY A 245 -0.71 -0.63 6.35
C GLY A 245 -1.63 -1.73 6.87
N LYS A 246 -2.13 -2.58 5.98
CA LYS A 246 -3.10 -3.60 6.37
C LYS A 246 -2.75 -4.99 5.88
N PHE A 247 -2.69 -5.93 6.84
CA PHE A 247 -2.45 -7.33 6.54
C PHE A 247 -3.65 -8.15 6.95
N ILE A 248 -4.48 -8.48 5.96
CA ILE A 248 -5.69 -9.25 6.10
C ILE A 248 -5.43 -10.66 5.60
N ARG A 249 -5.51 -11.63 6.52
CA ARG A 249 -5.29 -13.04 6.28
C ARG A 249 -6.65 -13.75 6.36
N ILE A 250 -7.06 -14.42 5.27
CA ILE A 250 -8.32 -15.15 5.22
C ILE A 250 -8.01 -16.61 5.50
N HIS A 251 -8.53 -17.11 6.64
CA HIS A 251 -8.32 -18.48 7.12
C HIS A 251 -9.24 -19.50 6.45
N PHE A 252 -8.68 -20.71 6.22
CA PHE A 252 -9.37 -21.85 5.62
C PHE A 252 -9.03 -23.15 6.32
N GLY A 253 -9.98 -24.08 6.30
CA GLY A 253 -9.82 -25.42 6.88
C GLY A 253 -9.28 -26.44 5.90
N ALA A 254 -9.52 -27.74 6.19
CA ALA A 254 -9.04 -28.87 5.38
C ALA A 254 -9.57 -28.90 3.95
N THR A 255 -10.90 -28.78 3.75
CA THR A 255 -11.52 -28.78 2.43
C THR A 255 -11.26 -27.50 1.65
N GLY A 256 -11.17 -26.38 2.39
CA GLY A 256 -10.93 -25.06 1.83
C GLY A 256 -12.04 -24.06 2.06
N LYS A 257 -12.97 -24.37 3.00
CA LYS A 257 -14.07 -23.47 3.36
C LYS A 257 -13.53 -22.38 4.31
N LEU A 258 -14.17 -21.18 4.33
CA LEU A 258 -13.75 -20.06 5.18
C LEU A 258 -13.84 -20.35 6.69
N ALA A 259 -12.68 -20.57 7.34
CA ALA A 259 -12.60 -20.83 8.77
C ALA A 259 -12.68 -19.54 9.60
N SER A 260 -11.93 -18.48 9.18
CA SER A 260 -11.84 -17.18 9.86
C SER A 260 -11.14 -16.10 8.99
N ALA A 261 -10.75 -14.96 9.63
CA ALA A 261 -10.02 -13.81 9.04
C ALA A 261 -9.28 -12.98 10.13
N ASP A 262 -7.96 -12.75 9.97
CA ASP A 262 -7.17 -11.94 10.92
C ASP A 262 -6.64 -10.64 10.25
N ILE A 263 -6.80 -9.47 10.92
CA ILE A 263 -6.36 -8.16 10.41
C ILE A 263 -5.26 -7.58 11.31
N GLU A 264 -4.24 -6.92 10.70
CA GLU A 264 -3.12 -6.25 11.41
C GLU A 264 -2.90 -4.83 10.85
N THR A 265 -2.73 -3.81 11.72
CA THR A 265 -2.53 -2.42 11.30
C THR A 265 -1.07 -2.01 11.42
N TYR A 266 -0.65 -0.95 10.68
CA TYR A 266 0.74 -0.53 10.76
C TYR A 266 0.87 1.01 11.03
N LEU A 267 1.87 1.71 10.42
CA LEU A 267 2.18 3.14 10.65
C LEU A 267 1.01 4.13 10.37
N LEU A 268 0.02 4.17 11.31
CA LEU A 268 -1.12 5.09 11.24
C LEU A 268 -0.61 6.52 11.47
N GLU A 269 -0.97 7.40 10.53
CA GLU A 269 -0.64 8.81 10.58
C GLU A 269 -1.57 9.47 11.61
N LYS A 270 -1.24 9.30 12.89
CA LYS A 270 -2.02 9.85 14.00
C LYS A 270 -1.83 11.38 14.15
N SER A 271 -0.76 11.95 13.52
CA SER A 271 -0.52 13.40 13.55
C SER A 271 -1.52 14.17 12.66
N ARG A 272 -2.21 13.47 11.72
CA ARG A 272 -3.24 14.03 10.81
C ARG A 272 -4.45 14.56 11.61
N VAL A 273 -4.75 13.90 12.75
CA VAL A 273 -5.83 14.23 13.69
C VAL A 273 -5.71 15.69 14.19
N ILE A 274 -4.50 16.09 14.62
CA ILE A 274 -4.23 17.43 15.16
C ILE A 274 -3.84 18.47 14.09
N PHE A 275 -3.30 18.02 12.94
CA PHE A 275 -2.89 18.92 11.85
C PHE A 275 -3.04 18.30 10.46
N GLN A 276 -3.57 19.10 9.52
CA GLN A 276 -3.73 18.70 8.11
C GLN A 276 -3.18 19.81 7.24
N LEU A 277 -2.50 19.44 6.12
CA LEU A 277 -1.94 20.42 5.17
C LEU A 277 -3.02 21.04 4.28
N LYS A 278 -2.67 22.10 3.53
CA LYS A 278 -3.59 22.80 2.62
C LYS A 278 -4.23 21.86 1.61
N ALA A 279 -5.57 22.00 1.38
CA ALA A 279 -6.45 21.21 0.48
C ALA A 279 -6.83 19.82 1.04
N GLU A 280 -6.12 19.35 2.08
CA GLU A 280 -6.37 18.05 2.71
C GLU A 280 -7.54 18.07 3.73
N ARG A 281 -7.80 16.90 4.35
CA ARG A 281 -8.88 16.67 5.31
C ARG A 281 -8.40 15.73 6.39
N ASP A 282 -9.12 15.72 7.53
CA ASP A 282 -8.90 14.81 8.65
C ASP A 282 -9.61 13.50 8.31
N TYR A 283 -9.66 12.57 9.27
CA TYR A 283 -10.33 11.29 9.09
C TYR A 283 -11.80 11.47 8.75
N HIS A 284 -12.32 10.58 7.92
CA HIS A 284 -13.69 10.67 7.44
C HIS A 284 -14.70 10.69 8.57
N ILE A 285 -14.43 9.92 9.62
CA ILE A 285 -15.27 9.77 10.79
C ILE A 285 -15.76 11.13 11.33
N PHE A 286 -14.85 12.09 11.57
CA PHE A 286 -15.16 13.43 12.09
C PHE A 286 -16.20 14.15 11.23
N TYR A 287 -16.09 14.00 9.91
CA TYR A 287 -16.97 14.63 8.97
C TYR A 287 -18.32 13.93 8.94
N GLN A 288 -18.32 12.60 9.17
CA GLN A 288 -19.53 11.78 9.16
C GLN A 288 -20.42 11.99 10.38
N ILE A 289 -19.79 12.11 11.58
CA ILE A 289 -20.47 12.25 12.88
C ILE A 289 -21.24 13.58 12.99
N LEU A 290 -20.59 14.71 12.65
CA LEU A 290 -21.21 16.03 12.73
C LEU A 290 -22.43 16.14 11.82
N SER A 291 -22.45 15.32 10.73
CA SER A 291 -23.52 15.23 9.73
C SER A 291 -24.76 14.46 10.22
N ASN A 292 -24.61 13.58 11.23
CA ASN A 292 -25.71 12.78 11.77
C ASN A 292 -26.25 13.30 13.10
N LYS A 293 -27.59 13.49 13.17
CA LYS A 293 -28.28 13.99 14.35
C LYS A 293 -28.68 12.88 15.34
N LYS A 294 -27.69 12.07 15.76
CA LYS A 294 -27.90 11.02 16.75
C LYS A 294 -28.21 11.65 18.13
N PRO A 295 -27.39 12.58 18.71
CA PRO A 295 -27.82 13.24 19.97
C PRO A 295 -29.08 14.10 19.75
N GLU A 296 -29.32 14.54 18.47
CA GLU A 296 -30.45 15.34 18.00
C GLU A 296 -30.68 16.61 18.80
N ASP A 299 -26.49 17.48 20.17
CA ASP A 299 -26.87 18.21 21.40
C ASP A 299 -26.23 17.60 22.66
N MET A 300 -26.34 16.27 22.83
CA MET A 300 -25.78 15.54 23.99
C MET A 300 -24.24 15.58 23.95
N LEU A 301 -23.67 15.40 22.73
CA LEU A 301 -22.23 15.43 22.44
C LEU A 301 -21.72 16.88 22.21
N LEU A 302 -22.64 17.88 22.24
CA LEU A 302 -22.43 19.33 22.07
C LEU A 302 -21.72 19.66 20.75
N ILE A 303 -22.11 18.93 19.69
CA ILE A 303 -21.61 19.07 18.31
C ILE A 303 -22.38 20.17 17.59
N THR A 304 -21.80 20.71 16.49
CA THR A 304 -22.41 21.77 15.68
C THR A 304 -22.13 21.56 14.19
N ASN A 305 -21.45 22.54 13.56
CA ASN A 305 -21.11 22.53 12.13
C ASN A 305 -19.75 21.86 11.93
N ASN A 306 -19.58 21.27 10.73
CA ASN A 306 -18.38 20.56 10.32
C ASN A 306 -17.14 21.48 10.35
N PRO A 307 -17.05 22.61 9.60
CA PRO A 307 -15.86 23.46 9.74
C PRO A 307 -16.00 24.43 10.92
N TYR A 308 -15.50 25.68 10.71
CA TYR A 308 -15.52 26.84 11.61
C TYR A 308 -15.21 26.48 13.06
N ASP A 309 -16.24 26.04 13.84
CA ASP A 309 -16.25 25.68 15.25
C ASP A 309 -15.14 24.74 15.68
N TYR A 310 -14.82 23.72 14.86
CA TYR A 310 -13.79 22.77 15.23
C TYR A 310 -12.49 23.06 14.50
N ALA A 311 -11.47 23.44 15.31
CA ALA A 311 -10.13 23.84 14.90
C ALA A 311 -9.32 22.69 14.30
N PHE A 312 -9.66 21.42 14.62
CA PHE A 312 -8.98 20.25 14.07
C PHE A 312 -9.58 19.85 12.71
N ILE A 313 -10.45 20.73 12.14
CA ILE A 313 -11.15 20.51 10.86
C ILE A 313 -11.16 21.78 9.95
N SER A 314 -11.36 22.98 10.55
CA SER A 314 -11.49 24.29 9.86
C SER A 314 -10.22 24.82 9.12
N GLN A 315 -9.55 23.97 8.29
CA GLN A 315 -8.39 24.35 7.45
C GLN A 315 -8.40 23.60 6.11
N GLY A 316 -8.67 24.35 5.05
CA GLY A 316 -8.71 23.84 3.69
C GLY A 316 -10.09 23.43 3.20
N GLU A 317 -10.50 22.18 3.49
CA GLU A 317 -11.80 21.68 3.03
C GLU A 317 -12.58 20.84 4.04
N THR A 318 -13.91 20.79 3.81
CA THR A 318 -14.92 20.12 4.61
C THR A 318 -15.43 18.87 3.89
N THR A 319 -15.74 18.97 2.59
CA THR A 319 -16.28 17.82 1.87
C THR A 319 -15.46 17.44 0.64
N VAL A 320 -15.58 16.16 0.24
CA VAL A 320 -14.96 15.55 -0.94
C VAL A 320 -16.05 15.46 -2.01
N ALA A 321 -15.73 15.85 -3.25
CA ALA A 321 -16.63 15.83 -4.40
C ALA A 321 -17.19 14.42 -4.67
N SER A 322 -18.51 14.36 -4.96
CA SER A 322 -19.33 13.17 -5.27
C SER A 322 -19.33 12.07 -4.14
N ILE A 323 -19.11 12.49 -2.87
CA ILE A 323 -19.10 11.61 -1.69
C ILE A 323 -19.97 12.26 -0.58
N ASP A 324 -20.92 11.48 -0.01
CA ASP A 324 -21.84 11.97 1.01
C ASP A 324 -21.45 11.58 2.45
N ASP A 325 -21.01 12.59 3.22
CA ASP A 325 -20.62 12.46 4.62
C ASP A 325 -21.81 12.11 5.52
N ALA A 326 -23.05 12.43 5.08
CA ALA A 326 -24.25 12.09 5.84
C ALA A 326 -24.60 10.62 5.61
N GLU A 327 -24.53 10.16 4.33
CA GLU A 327 -24.82 8.78 3.92
C GLU A 327 -23.68 7.79 4.22
N GLU A 328 -22.47 8.30 4.54
CA GLU A 328 -21.34 7.42 4.85
C GLU A 328 -21.39 6.94 6.30
N LEU A 329 -21.99 7.74 7.21
CA LEU A 329 -22.15 7.31 8.62
C LEU A 329 -23.28 6.27 8.69
N MET A 330 -24.20 6.30 7.70
CA MET A 330 -25.29 5.33 7.57
C MET A 330 -24.70 4.00 7.08
N ALA A 331 -23.56 4.07 6.34
CA ALA A 331 -22.82 2.93 5.80
C ALA A 331 -21.96 2.26 6.87
N THR A 332 -21.41 3.07 7.81
CA THR A 332 -20.54 2.61 8.91
C THR A 332 -21.35 2.11 10.10
N ASP A 333 -22.49 2.76 10.44
CA ASP A 333 -23.41 2.33 11.51
C ASP A 333 -23.99 0.97 11.15
N ASN A 334 -24.16 0.73 9.84
CA ASN A 334 -24.61 -0.54 9.26
C ASN A 334 -23.54 -1.61 9.50
N ALA A 335 -22.25 -1.27 9.27
CA ALA A 335 -21.12 -2.17 9.45
C ALA A 335 -20.84 -2.51 10.93
N PHE A 336 -21.03 -1.53 11.86
CA PHE A 336 -20.86 -1.68 13.31
C PHE A 336 -21.93 -2.62 13.90
N ASP A 337 -23.20 -2.41 13.54
CA ASP A 337 -24.34 -3.22 13.98
C ASP A 337 -24.30 -4.64 13.41
N VAL A 338 -23.71 -4.82 12.21
CA VAL A 338 -23.54 -6.12 11.57
C VAL A 338 -22.44 -6.92 12.29
N LEU A 339 -21.31 -6.24 12.61
CA LEU A 339 -20.13 -6.82 13.25
C LEU A 339 -20.22 -7.05 14.77
N GLY A 340 -21.34 -6.71 15.39
CA GLY A 340 -21.55 -6.93 16.81
C GLY A 340 -21.32 -5.79 17.77
N PHE A 341 -20.96 -4.58 17.28
CA PHE A 341 -20.78 -3.41 18.16
C PHE A 341 -22.17 -2.97 18.60
N THR A 342 -22.43 -2.94 19.92
CA THR A 342 -23.73 -2.55 20.45
C THR A 342 -24.00 -1.04 20.35
N THR A 343 -25.24 -0.61 20.62
CA THR A 343 -25.65 0.80 20.58
C THR A 343 -24.91 1.64 21.62
N GLU A 344 -24.56 1.03 22.79
CA GLU A 344 -23.82 1.72 23.83
C GLU A 344 -22.34 1.88 23.49
N GLU A 345 -21.75 0.85 22.82
CA GLU A 345 -20.35 0.85 22.34
C GLU A 345 -20.20 1.93 21.27
N LYS A 346 -21.19 2.04 20.36
CA LYS A 346 -21.22 3.05 19.29
C LYS A 346 -21.19 4.44 19.92
N ASN A 347 -22.18 4.77 20.77
CA ASN A 347 -22.29 6.05 21.48
C ASN A 347 -21.08 6.36 22.37
N SER A 348 -20.26 5.34 22.67
CA SER A 348 -19.03 5.49 23.43
C SER A 348 -17.91 5.97 22.49
N MET A 349 -17.78 5.31 21.32
CA MET A 349 -16.79 5.62 20.29
C MET A 349 -16.98 6.98 19.70
N TYR A 350 -18.25 7.40 19.57
CA TYR A 350 -18.63 8.71 19.05
C TYR A 350 -18.42 9.81 20.08
N LYS A 351 -18.56 9.48 21.40
CA LYS A 351 -18.31 10.37 22.52
C LYS A 351 -16.83 10.73 22.58
N LEU A 352 -15.96 9.83 22.07
CA LEU A 352 -14.49 10.01 21.96
C LEU A 352 -14.20 10.96 20.81
N THR A 353 -14.76 10.66 19.62
CA THR A 353 -14.61 11.43 18.39
C THR A 353 -15.09 12.87 18.60
N GLY A 354 -16.23 13.03 19.27
CA GLY A 354 -16.80 14.33 19.63
C GLY A 354 -15.99 15.07 20.68
N ALA A 355 -15.22 14.33 21.47
CA ALA A 355 -14.35 14.90 22.50
C ALA A 355 -12.97 15.26 21.96
N ILE A 356 -12.49 14.55 20.90
CA ILE A 356 -11.21 14.85 20.25
C ILE A 356 -11.42 16.22 19.60
N MET A 357 -12.59 16.42 18.97
CA MET A 357 -12.97 17.67 18.34
C MET A 357 -13.11 18.76 19.40
N HIS A 358 -13.65 18.39 20.59
CA HIS A 358 -13.83 19.33 21.70
C HIS A 358 -12.53 19.76 22.37
N PHE A 359 -11.54 18.85 22.47
CA PHE A 359 -10.22 19.15 23.02
C PHE A 359 -9.49 20.16 22.09
N GLY A 360 -9.82 20.08 20.79
CA GLY A 360 -9.30 20.95 19.73
C GLY A 360 -9.49 22.44 19.90
N ASN A 361 -10.39 22.88 20.80
CA ASN A 361 -10.64 24.31 21.03
C ASN A 361 -10.27 24.71 22.48
N MET A 362 -8.98 25.06 22.73
CA MET A 362 -8.50 25.46 24.06
C MET A 362 -8.01 26.91 24.13
N LYS A 363 -8.00 27.49 25.33
CA LYS A 363 -7.57 28.87 25.51
C LYS A 363 -6.04 29.02 25.47
N PHE A 364 -5.32 28.41 26.42
CA PHE A 364 -3.85 28.47 26.59
C PHE A 364 -3.29 29.91 26.42
N LYS A 365 -3.88 30.89 27.15
CA LYS A 365 -3.44 32.29 27.13
C LYS A 365 -2.26 32.52 28.11
N LEU A 366 -2.25 33.63 28.91
CA LEU A 366 -1.15 33.92 29.85
C LEU A 366 -1.58 34.51 31.21
N LYS A 367 -1.09 33.90 32.33
CA LYS A 367 -1.33 34.35 33.70
C LYS A 367 -0.39 35.51 33.96
N GLN A 368 0.90 35.30 33.64
CA GLN A 368 1.98 36.28 33.67
C GLN A 368 2.51 36.23 32.24
N ARG A 369 2.32 37.35 31.50
CA ARG A 369 2.63 37.57 30.07
C ARG A 369 4.03 37.12 29.58
N GLU A 370 4.93 36.70 30.50
CA GLU A 370 6.27 36.19 30.17
C GLU A 370 6.21 34.76 29.56
N GLU A 371 6.04 33.71 30.42
CA GLU A 371 5.97 32.30 30.01
C GLU A 371 5.24 31.41 31.05
N GLN A 372 3.95 31.72 31.31
CA GLN A 372 3.07 30.99 32.23
C GLN A 372 1.70 30.87 31.58
N ALA A 373 1.33 29.65 31.10
CA ALA A 373 0.05 29.42 30.42
C ALA A 373 -1.14 29.46 31.37
N GLU A 374 -2.29 29.98 30.89
CA GLU A 374 -3.51 30.13 31.69
C GLU A 374 -4.77 30.21 30.81
N PRO A 375 -5.74 29.27 30.94
CA PRO A 375 -6.96 29.37 30.14
C PRO A 375 -8.03 30.25 30.79
N ASP A 376 -8.42 31.33 30.09
CA ASP A 376 -9.43 32.32 30.49
C ASP A 376 -10.83 31.78 30.23
N GLY A 377 -11.26 30.84 31.08
CA GLY A 377 -12.57 30.19 31.04
C GLY A 377 -13.06 29.67 29.71
N THR A 378 -12.90 28.37 29.47
CA THR A 378 -13.36 27.80 28.21
C THR A 378 -14.39 26.67 28.43
N GLU A 379 -14.94 26.16 27.31
CA GLU A 379 -15.91 25.08 27.28
C GLU A 379 -15.19 23.74 27.05
N GLU A 380 -14.26 23.45 27.99
CA GLU A 380 -13.48 22.22 28.06
C GLU A 380 -14.14 21.38 29.14
N ALA A 381 -15.12 21.98 29.84
CA ALA A 381 -15.96 21.34 30.83
C ALA A 381 -16.97 20.44 30.06
N ASP A 382 -17.12 20.70 28.72
CA ASP A 382 -17.98 19.98 27.78
C ASP A 382 -17.27 18.78 27.17
N LYS A 383 -15.94 18.89 26.99
CA LYS A 383 -15.10 17.78 26.52
C LYS A 383 -15.02 16.83 27.70
N SER A 384 -14.84 17.38 28.92
CA SER A 384 -14.76 16.65 30.18
C SER A 384 -16.11 15.99 30.50
N ALA A 385 -17.22 16.49 29.88
CA ALA A 385 -18.57 15.95 30.06
C ALA A 385 -18.74 14.70 29.21
N TYR A 386 -18.45 14.79 27.89
CA TYR A 386 -18.54 13.68 26.95
C TYR A 386 -17.46 12.61 27.23
N LEU A 387 -16.17 13.04 27.36
CA LEU A 387 -15.07 12.14 27.69
C LEU A 387 -15.22 11.77 29.16
N MET A 388 -15.71 10.55 29.39
CA MET A 388 -15.98 9.86 30.66
C MET A 388 -15.98 10.71 31.93
N GLY A 389 -16.94 11.64 32.03
CA GLY A 389 -17.14 12.53 33.17
C GLY A 389 -15.93 12.83 34.03
N LEU A 390 -14.79 13.16 33.38
CA LEU A 390 -13.53 13.50 34.06
C LEU A 390 -13.76 14.84 34.72
N ASN A 391 -13.25 15.01 35.95
CA ASN A 391 -13.40 16.26 36.70
C ASN A 391 -12.96 17.42 35.82
N SER A 392 -13.87 18.39 35.62
CA SER A 392 -13.61 19.56 34.80
C SER A 392 -12.52 20.44 35.45
N ALA A 393 -12.43 20.41 36.81
CA ALA A 393 -11.39 21.11 37.58
C ALA A 393 -10.05 20.45 37.26
N ASP A 394 -10.06 19.11 37.14
CA ASP A 394 -8.92 18.30 36.71
C ASP A 394 -8.84 18.41 35.19
N LEU A 395 -7.76 17.86 34.56
CA LEU A 395 -7.46 17.94 33.12
C LEU A 395 -6.93 19.34 32.84
N LEU A 396 -7.64 20.37 33.34
CA LEU A 396 -7.27 21.78 33.30
C LEU A 396 -5.91 21.85 33.99
N LYS A 397 -5.81 21.21 35.21
CA LYS A 397 -4.58 21.10 36.01
C LYS A 397 -3.65 20.03 35.44
N GLY A 398 -4.21 18.94 34.93
CA GLY A 398 -3.45 17.85 34.32
C GLY A 398 -2.73 18.21 33.03
N LEU A 399 -3.12 19.35 32.39
CA LEU A 399 -2.55 19.83 31.14
C LEU A 399 -1.66 21.04 31.38
N CYS A 400 -2.18 22.02 32.14
CA CYS A 400 -1.47 23.27 32.44
C CYS A 400 -0.29 23.00 33.38
N HIS A 401 -0.56 22.36 34.54
CA HIS A 401 0.43 22.05 35.57
C HIS A 401 0.62 20.55 35.83
N PRO A 402 1.32 19.78 34.94
CA PRO A 402 1.49 18.34 35.19
C PRO A 402 2.71 17.95 36.02
N ARG A 403 2.47 17.19 37.11
CA ARG A 403 3.48 16.69 38.07
C ARG A 403 4.54 15.76 37.42
N VAL A 404 5.81 16.16 37.55
CA VAL A 404 7.02 15.48 37.04
C VAL A 404 7.83 15.07 38.29
N LYS A 405 9.03 14.48 38.11
CA LYS A 405 9.92 14.16 39.21
C LYS A 405 11.39 14.27 38.82
N VAL A 406 12.15 15.08 39.59
CA VAL A 406 13.59 15.26 39.42
C VAL A 406 14.31 14.33 40.42
N GLY A 407 14.63 13.14 39.93
CA GLY A 407 15.24 12.07 40.72
C GLY A 407 14.15 11.28 41.39
N ASN A 408 13.88 11.59 42.67
CA ASN A 408 12.83 10.98 43.51
C ASN A 408 11.85 12.07 44.02
N GLU A 409 12.01 13.35 43.56
CA GLU A 409 11.21 14.50 43.99
C GLU A 409 10.06 14.87 43.05
N TYR A 410 8.80 14.67 43.48
CA TYR A 410 7.58 15.00 42.72
C TYR A 410 7.44 16.53 42.56
N VAL A 411 8.02 17.05 41.46
CA VAL A 411 8.05 18.45 41.09
C VAL A 411 6.79 18.82 40.29
N THR A 412 6.25 20.03 40.49
CA THR A 412 5.09 20.49 39.72
C THR A 412 5.53 21.46 38.66
N LYS A 413 5.28 21.12 37.40
CA LYS A 413 5.64 21.97 36.27
C LYS A 413 4.47 22.91 35.90
N GLY A 414 4.78 24.17 35.62
CA GLY A 414 3.81 25.17 35.19
C GLY A 414 4.16 25.58 33.78
N GLN A 415 3.61 24.85 32.79
CA GLN A 415 3.90 25.01 31.36
C GLN A 415 3.47 26.32 30.67
N ASN A 416 4.06 26.56 29.47
CA ASN A 416 3.80 27.69 28.59
C ASN A 416 2.88 27.26 27.45
N VAL A 417 2.20 28.24 26.82
CA VAL A 417 1.24 28.11 25.72
C VAL A 417 1.62 27.08 24.64
N GLN A 418 2.91 27.04 24.22
CA GLN A 418 3.40 26.10 23.19
C GLN A 418 3.39 24.67 23.69
N GLN A 419 3.94 24.44 24.91
CA GLN A 419 4.03 23.13 25.54
C GLN A 419 2.66 22.62 25.98
N VAL A 420 1.71 23.54 26.25
CA VAL A 420 0.34 23.17 26.61
C VAL A 420 -0.41 22.66 25.36
N VAL A 421 -0.21 23.33 24.18
CA VAL A 421 -0.76 22.97 22.87
C VAL A 421 -0.28 21.57 22.45
N TYR A 422 1.06 21.33 22.54
CA TYR A 422 1.70 20.06 22.19
C TYR A 422 1.25 18.90 23.09
N ALA A 423 1.05 19.20 24.41
CA ALA A 423 0.56 18.23 25.41
C ALA A 423 -0.91 17.91 25.14
N LYS A 424 -1.73 18.95 24.76
CA LYS A 424 -3.14 18.79 24.39
C LYS A 424 -3.20 17.81 23.20
N GLY A 425 -2.41 18.10 22.16
CA GLY A 425 -2.24 17.26 20.97
C GLY A 425 -1.81 15.86 21.33
N ALA A 426 -0.82 15.71 22.24
CA ALA A 426 -0.32 14.43 22.75
C ALA A 426 -1.48 13.53 23.19
N LEU A 427 -2.45 14.11 23.95
CA LEU A 427 -3.66 13.44 24.43
C LEU A 427 -4.59 13.08 23.28
N ALA A 428 -4.82 13.99 22.32
CA ALA A 428 -5.70 13.74 21.15
C ALA A 428 -5.22 12.54 20.30
N LYS A 429 -3.94 12.57 19.84
CA LYS A 429 -3.27 11.54 19.04
C LYS A 429 -3.21 10.18 19.77
N ALA A 430 -2.86 10.21 21.08
CA ALA A 430 -2.80 9.02 21.93
C ALA A 430 -4.18 8.38 22.00
N VAL A 431 -5.21 9.13 22.50
CA VAL A 431 -6.63 8.73 22.63
C VAL A 431 -7.19 8.14 21.34
N TYR A 432 -6.80 8.69 20.17
CA TYR A 432 -7.28 8.26 18.87
C TYR A 432 -6.66 6.96 18.38
N GLU A 433 -5.31 6.88 18.36
CA GLU A 433 -4.55 5.69 17.90
C GLU A 433 -4.91 4.45 18.71
N ARG A 434 -5.06 4.65 20.03
CA ARG A 434 -5.41 3.64 21.01
C ARG A 434 -6.83 3.15 20.82
N MET A 435 -7.73 4.06 20.35
CA MET A 435 -9.11 3.70 20.07
C MET A 435 -9.18 2.94 18.76
N PHE A 436 -8.37 3.36 17.75
CA PHE A 436 -8.27 2.68 16.46
C PHE A 436 -7.70 1.24 16.64
N ASN A 437 -6.72 1.07 17.54
CA ASN A 437 -6.09 -0.23 17.83
C ASN A 437 -7.04 -1.18 18.56
N TRP A 438 -7.96 -0.61 19.35
CA TRP A 438 -9.00 -1.32 20.09
C TRP A 438 -10.02 -1.91 19.10
N MET A 439 -10.39 -1.12 18.05
CA MET A 439 -11.33 -1.47 16.96
C MET A 439 -10.95 -2.78 16.33
N VAL A 440 -9.67 -2.91 15.95
CA VAL A 440 -9.10 -4.10 15.33
C VAL A 440 -9.16 -5.30 16.32
N THR A 441 -8.89 -5.07 17.63
CA THR A 441 -8.97 -6.11 18.66
C THR A 441 -10.44 -6.58 18.80
N ARG A 442 -11.41 -5.66 18.81
CA ARG A 442 -12.83 -5.97 18.92
C ARG A 442 -13.35 -6.66 17.63
N ILE A 443 -12.88 -6.19 16.46
CA ILE A 443 -13.21 -6.75 15.13
C ILE A 443 -12.70 -8.18 15.03
N ASN A 444 -11.39 -8.39 15.31
CA ASN A 444 -10.78 -9.72 15.27
C ASN A 444 -11.42 -10.69 16.27
N ALA A 445 -11.95 -10.16 17.39
CA ALA A 445 -12.69 -10.97 18.37
C ALA A 445 -14.12 -11.26 17.85
N THR A 446 -14.26 -11.40 16.51
CA THR A 446 -15.49 -11.71 15.75
C THR A 446 -15.07 -12.58 14.55
N LEU A 447 -14.20 -12.03 13.67
CA LEU A 447 -13.69 -12.66 12.45
C LEU A 447 -12.75 -13.84 12.72
N GLU A 448 -11.59 -13.57 13.35
CA GLU A 448 -10.57 -14.55 13.68
C GLU A 448 -11.14 -15.63 14.60
N THR A 449 -12.03 -15.23 15.53
CA THR A 449 -12.64 -16.12 16.51
C THR A 449 -13.81 -16.92 15.92
N LYS A 450 -13.56 -18.22 15.64
CA LYS A 450 -14.50 -19.21 15.12
C LYS A 450 -13.91 -20.61 15.31
N GLN A 451 -13.09 -21.07 14.34
CA GLN A 451 -12.37 -22.36 14.35
C GLN A 451 -11.08 -22.17 13.52
N PRO A 452 -10.16 -21.23 13.89
CA PRO A 452 -8.97 -21.02 13.06
C PRO A 452 -7.88 -22.08 13.21
N ARG A 453 -7.03 -22.16 12.16
CA ARG A 453 -5.87 -23.02 11.92
C ARG A 453 -5.81 -23.36 10.42
N GLN A 454 -4.85 -24.21 10.01
CA GLN A 454 -4.61 -24.71 8.66
C GLN A 454 -4.09 -23.63 7.68
N TYR A 455 -4.41 -23.80 6.37
CA TYR A 455 -4.00 -22.98 5.24
C TYR A 455 -4.72 -21.64 5.19
N PHE A 456 -4.06 -20.61 4.64
CA PHE A 456 -4.61 -19.25 4.57
C PHE A 456 -4.03 -18.34 3.47
N ILE A 457 -4.84 -17.36 3.06
CA ILE A 457 -4.52 -16.38 2.03
C ILE A 457 -4.26 -15.01 2.67
N GLY A 458 -3.03 -14.52 2.55
CA GLY A 458 -2.62 -13.21 3.06
C GLY A 458 -2.76 -12.16 1.99
N VAL A 459 -3.38 -11.01 2.32
CA VAL A 459 -3.58 -9.91 1.37
C VAL A 459 -2.98 -8.61 1.91
N LEU A 460 -1.91 -8.13 1.26
CA LEU A 460 -1.22 -6.92 1.67
C LEU A 460 -1.70 -5.63 0.96
N ASP A 461 -2.00 -4.62 1.77
CA ASP A 461 -2.47 -3.31 1.36
C ASP A 461 -1.69 -2.32 2.20
N ILE A 462 -0.48 -2.00 1.75
CA ILE A 462 0.43 -1.07 2.42
C ILE A 462 0.16 0.35 1.97
N ALA A 463 0.43 1.35 2.82
CA ALA A 463 0.26 2.76 2.46
C ALA A 463 1.37 3.10 1.42
N GLY A 464 0.95 3.30 0.17
CA GLY A 464 1.82 3.52 -1.00
C GLY A 464 2.84 4.63 -0.94
N PHE A 465 3.90 4.52 -1.77
CA PHE A 465 5.02 5.47 -1.89
C PHE A 465 4.55 6.94 -2.02
N GLU A 466 4.81 7.73 -0.97
CA GLU A 466 4.39 9.13 -0.88
C GLU A 466 5.51 10.13 -1.12
N ILE A 467 5.16 11.23 -1.79
CA ILE A 467 5.99 12.39 -2.08
C ILE A 467 5.06 13.60 -1.94
N PHE A 468 5.45 14.58 -1.09
CA PHE A 468 4.72 15.83 -0.86
C PHE A 468 5.65 17.05 -0.78
N ASP A 469 5.09 18.23 -0.45
CA ASP A 469 5.86 19.45 -0.26
C ASP A 469 6.64 19.31 1.05
N PHE A 470 5.97 18.85 2.12
CA PHE A 470 6.58 18.59 3.42
C PHE A 470 6.41 17.10 3.76
N ASN A 471 7.55 16.36 3.86
CA ASN A 471 7.61 14.93 4.22
C ASN A 471 8.21 14.82 5.60
N SER A 472 7.45 14.29 6.55
CA SER A 472 7.96 14.12 7.90
C SER A 472 8.21 12.65 8.21
N PHE A 473 8.35 12.29 9.50
CA PHE A 473 8.62 10.94 9.97
C PHE A 473 7.79 9.87 9.25
N GLU A 474 6.46 9.93 9.39
CA GLU A 474 5.47 9.01 8.81
C GLU A 474 5.66 8.71 7.32
N GLN A 475 6.10 9.73 6.51
CA GLN A 475 6.40 9.56 5.09
C GLN A 475 7.62 8.65 4.92
N LEU A 476 8.68 8.82 5.76
CA LEU A 476 9.87 7.97 5.75
C LEU A 476 9.50 6.53 6.13
N CYS A 477 8.56 6.39 7.06
CA CYS A 477 8.09 5.09 7.51
C CYS A 477 7.43 4.37 6.35
N ILE A 478 6.65 5.11 5.56
CA ILE A 478 5.93 4.62 4.39
C ILE A 478 6.92 4.14 3.32
N ASN A 479 7.82 5.04 2.89
CA ASN A 479 8.83 4.80 1.85
C ASN A 479 9.82 3.63 2.19
N PHE A 480 10.04 3.36 3.49
CA PHE A 480 10.84 2.21 3.93
C PHE A 480 10.05 0.91 3.66
N THR A 481 8.75 0.90 4.01
CA THR A 481 7.86 -0.24 3.83
C THR A 481 7.76 -0.59 2.34
N ASN A 482 7.53 0.44 1.50
CA ASN A 482 7.42 0.29 0.06
C ASN A 482 8.72 -0.20 -0.56
N GLU A 483 9.87 0.26 -0.05
CA GLU A 483 11.20 -0.18 -0.51
C GLU A 483 11.44 -1.68 -0.19
N LYS A 484 11.22 -2.08 1.08
CA LYS A 484 11.42 -3.44 1.54
C LYS A 484 10.44 -4.44 0.86
N LEU A 485 9.22 -3.98 0.50
CA LEU A 485 8.24 -4.83 -0.19
C LEU A 485 8.68 -5.06 -1.64
N GLN A 486 9.24 -4.00 -2.26
CA GLN A 486 9.80 -4.01 -3.63
C GLN A 486 11.06 -4.90 -3.65
N GLN A 487 11.84 -4.91 -2.55
CA GLN A 487 13.05 -5.73 -2.39
C GLN A 487 12.63 -7.21 -2.49
N PHE A 488 11.50 -7.58 -1.82
CA PHE A 488 10.89 -8.92 -1.81
C PHE A 488 10.47 -9.36 -3.21
N PHE A 489 10.18 -8.40 -4.10
CA PHE A 489 9.84 -8.73 -5.47
C PHE A 489 11.12 -9.03 -6.25
N ASN A 490 12.21 -8.26 -6.00
CA ASN A 490 13.49 -8.46 -6.68
C ASN A 490 14.15 -9.75 -6.21
N HIS A 491 14.05 -10.01 -4.91
CA HIS A 491 14.56 -11.14 -4.18
C HIS A 491 13.91 -12.46 -4.63
N HIS A 492 12.66 -12.41 -5.11
CA HIS A 492 11.89 -13.57 -5.56
C HIS A 492 11.93 -13.82 -7.07
N MET A 493 11.85 -12.74 -7.89
CA MET A 493 11.88 -12.86 -9.35
C MET A 493 13.25 -13.26 -9.86
N PHE A 494 14.29 -12.61 -9.33
CA PHE A 494 15.70 -12.83 -9.64
C PHE A 494 16.38 -13.14 -8.29
N VAL A 495 17.70 -13.39 -8.24
CA VAL A 495 18.48 -13.70 -7.03
C VAL A 495 18.15 -15.09 -6.45
N LEU A 496 16.86 -15.34 -6.13
CA LEU A 496 16.33 -16.61 -5.62
C LEU A 496 16.26 -17.64 -6.75
N GLU A 497 15.66 -17.23 -7.91
CA GLU A 497 15.51 -18.08 -9.09
C GLU A 497 16.87 -18.48 -9.65
N GLN A 498 17.76 -17.50 -9.80
CA GLN A 498 19.14 -17.64 -10.28
C GLN A 498 20.02 -18.51 -9.36
N GLU A 499 19.69 -18.56 -8.05
CA GLU A 499 20.39 -19.38 -7.07
C GLU A 499 20.11 -20.86 -7.35
N GLU A 500 18.85 -21.20 -7.73
CA GLU A 500 18.41 -22.56 -8.08
C GLU A 500 19.01 -22.99 -9.43
N TYR A 501 19.20 -22.03 -10.35
CA TYR A 501 19.78 -22.28 -11.67
C TYR A 501 21.29 -22.58 -11.61
N LYS A 502 22.01 -22.05 -10.57
CA LYS A 502 23.45 -22.12 -10.33
C LYS A 502 24.18 -23.32 -10.97
N LYS A 503 23.86 -24.56 -10.53
CA LYS A 503 24.48 -25.78 -11.05
C LYS A 503 23.56 -26.59 -11.95
N GLU A 504 22.30 -26.79 -11.50
CA GLU A 504 21.26 -27.59 -12.18
C GLU A 504 20.83 -27.08 -13.56
N GLY A 505 20.79 -25.75 -13.76
CA GLY A 505 20.40 -25.13 -15.03
C GLY A 505 21.43 -25.26 -16.14
N ILE A 506 21.35 -24.37 -17.17
CA ILE A 506 22.30 -24.35 -18.32
C ILE A 506 23.68 -23.82 -17.90
N GLU A 507 24.10 -24.09 -16.63
CA GLU A 507 25.32 -23.61 -15.97
C GLU A 507 25.21 -22.07 -15.90
N TRP A 508 23.95 -21.59 -16.08
CA TRP A 508 23.38 -20.25 -16.06
C TRP A 508 24.43 -19.12 -15.97
N GLU A 509 24.69 -18.47 -17.13
CA GLU A 509 25.66 -17.40 -17.46
C GLU A 509 26.40 -16.76 -16.24
N PHE A 510 25.75 -15.98 -15.31
CA PHE A 510 24.33 -15.60 -15.20
C PHE A 510 24.04 -14.14 -15.60
N ILE A 511 22.75 -13.84 -15.82
CA ILE A 511 22.23 -12.52 -16.21
C ILE A 511 22.18 -11.60 -14.98
N ASP A 512 22.64 -10.35 -15.16
CA ASP A 512 22.67 -9.33 -14.11
C ASP A 512 21.73 -8.17 -14.40
N PHE A 513 20.85 -7.88 -13.42
CA PHE A 513 19.87 -6.80 -13.46
C PHE A 513 20.35 -5.72 -12.48
N GLY A 514 20.34 -4.46 -12.94
CA GLY A 514 20.79 -3.30 -12.17
C GLY A 514 19.99 -2.97 -10.94
N MET A 515 18.77 -3.53 -10.82
CA MET A 515 17.85 -3.33 -9.69
C MET A 515 18.38 -3.98 -8.41
N ASP A 516 18.69 -3.15 -7.38
CA ASP A 516 19.22 -3.54 -6.08
C ASP A 516 18.91 -2.42 -5.07
N LEU A 517 17.95 -2.69 -4.16
CA LEU A 517 17.49 -1.68 -3.18
C LEU A 517 17.97 -1.91 -1.74
N GLN A 518 19.00 -2.76 -1.58
CA GLN A 518 19.61 -3.08 -0.29
C GLN A 518 20.35 -1.85 0.29
N ALA A 519 21.05 -1.08 -0.57
CA ALA A 519 21.81 0.12 -0.19
C ALA A 519 20.95 1.14 0.55
N CYS A 520 19.76 1.48 -0.01
CA CYS A 520 18.80 2.43 0.55
C CYS A 520 18.12 1.85 1.78
N ILE A 521 18.05 0.52 1.87
CA ILE A 521 17.46 -0.15 3.02
C ILE A 521 18.45 -0.04 4.18
N ASP A 522 19.71 -0.47 3.96
CA ASP A 522 20.81 -0.44 4.94
C ASP A 522 20.97 0.96 5.55
N LEU A 523 20.87 2.02 4.69
CA LEU A 523 20.93 3.45 5.04
C LEU A 523 19.83 3.85 6.01
N ILE A 524 18.66 3.18 5.95
CA ILE A 524 17.56 3.48 6.83
C ILE A 524 17.68 2.68 8.14
N GLU A 525 17.93 1.38 8.11
CA GLU A 525 17.97 0.57 9.33
C GLU A 525 19.37 0.21 9.91
N LYS A 526 19.87 -1.01 9.61
CA LYS A 526 21.08 -1.69 10.12
C LYS A 526 22.32 -0.80 10.39
N PRO A 527 23.19 -1.16 11.39
CA PRO A 527 24.40 -0.36 11.71
C PRO A 527 25.46 -0.20 10.60
N MET A 528 25.66 1.04 10.09
CA MET A 528 24.95 2.25 10.53
C MET A 528 23.81 2.73 9.61
N GLY A 529 22.69 3.11 10.24
CA GLY A 529 21.49 3.58 9.55
C GLY A 529 20.80 4.74 10.23
N ILE A 530 19.84 5.41 9.51
CA ILE A 530 19.06 6.59 9.97
C ILE A 530 18.29 6.28 11.28
N MET A 531 17.55 5.15 11.32
CA MET A 531 16.80 4.70 12.49
C MET A 531 17.70 4.66 13.75
N SER A 532 18.81 3.89 13.72
CA SER A 532 19.77 3.75 14.82
C SER A 532 20.28 5.10 15.32
N ILE A 533 20.68 5.98 14.39
CA ILE A 533 21.17 7.33 14.67
C ILE A 533 20.07 8.17 15.37
N LEU A 534 18.79 7.98 14.98
CA LEU A 534 17.62 8.65 15.54
C LEU A 534 17.28 8.11 16.96
N GLU A 535 17.31 6.76 17.15
CA GLU A 535 17.04 6.12 18.45
C GLU A 535 18.04 6.58 19.53
N GLU A 536 19.33 6.75 19.14
CA GLU A 536 20.42 7.22 19.99
C GLU A 536 20.18 8.65 20.46
N GLU A 537 19.34 9.40 19.74
CA GLU A 537 19.05 10.80 20.06
C GLU A 537 17.81 10.98 20.94
N CYS A 538 17.04 9.90 21.12
CA CYS A 538 15.87 9.95 21.99
C CYS A 538 16.28 9.66 23.42
N MET A 539 17.26 8.75 23.59
CA MET A 539 17.83 8.38 24.88
C MET A 539 18.69 9.53 25.43
N PHE A 540 19.35 10.28 24.53
CA PHE A 540 20.23 11.42 24.78
C PHE A 540 19.41 12.62 25.29
N PRO A 541 19.80 13.28 26.41
CA PRO A 541 18.98 14.40 26.94
C PRO A 541 19.17 15.74 26.24
N LYS A 542 20.43 16.17 26.06
CA LYS A 542 20.83 17.42 25.40
C LYS A 542 20.35 17.46 23.92
N ALA A 543 20.13 16.27 23.30
CA ALA A 543 19.73 16.07 21.91
C ALA A 543 18.48 16.83 21.47
N THR A 544 18.63 17.56 20.36
CA THR A 544 17.58 18.35 19.71
C THR A 544 17.58 18.02 18.22
N ASP A 545 16.64 18.61 17.48
CA ASP A 545 16.49 18.45 16.04
C ASP A 545 17.75 18.89 15.30
N MET A 546 18.31 20.05 15.69
CA MET A 546 19.53 20.64 15.10
C MET A 546 20.77 19.79 15.37
N THR A 547 20.76 19.03 16.49
CA THR A 547 21.84 18.15 16.96
C THR A 547 22.00 16.90 16.10
N PHE A 548 20.89 16.20 15.80
CA PHE A 548 20.94 14.94 15.08
C PHE A 548 20.85 15.04 13.54
N LYS A 549 20.53 16.23 12.98
CA LYS A 549 20.57 16.38 11.53
C LYS A 549 22.06 16.54 11.20
N ALA A 550 22.81 17.22 12.08
CA ALA A 550 24.26 17.40 12.00
C ALA A 550 24.94 16.01 12.09
N LYS A 551 24.43 15.12 12.99
CA LYS A 551 24.91 13.74 13.23
C LYS A 551 24.70 12.85 12.00
N LEU A 552 23.58 13.08 11.28
CA LEU A 552 23.18 12.34 10.08
C LEU A 552 24.12 12.68 8.97
N PHE A 553 24.33 13.99 8.76
CA PHE A 553 25.19 14.57 7.75
C PHE A 553 26.63 14.11 8.00
N ASP A 554 27.10 14.22 9.26
CA ASP A 554 28.43 13.78 9.71
C ASP A 554 28.75 12.33 9.29
N ASN A 555 27.73 11.46 9.44
CA ASN A 555 27.79 10.03 9.19
C ASN A 555 27.61 9.60 7.73
N HIS A 556 26.66 10.23 6.98
CA HIS A 556 26.28 9.79 5.61
C HIS A 556 26.70 10.71 4.42
N LEU A 557 26.94 12.02 4.62
CA LEU A 557 27.29 12.87 3.48
C LEU A 557 28.74 12.69 3.03
N GLY A 558 28.91 12.54 1.71
CA GLY A 558 30.19 12.32 1.07
C GLY A 558 30.65 10.88 1.21
N LYS A 559 29.78 10.03 1.81
CA LYS A 559 30.03 8.62 2.04
C LYS A 559 29.03 7.83 1.19
N SER A 560 27.78 7.63 1.69
CA SER A 560 26.71 6.92 0.97
C SER A 560 26.19 7.73 -0.23
N SER A 561 26.11 7.08 -1.39
CA SER A 561 25.60 7.69 -2.62
C SER A 561 24.07 7.83 -2.62
N ASN A 562 23.36 7.00 -1.82
CA ASN A 562 21.90 7.06 -1.73
C ASN A 562 21.43 8.07 -0.64
N PHE A 563 22.38 8.76 0.05
CA PHE A 563 22.06 9.85 0.99
C PHE A 563 22.58 11.15 0.38
N GLN A 564 21.81 12.25 0.57
CA GLN A 564 22.17 13.57 0.07
C GLN A 564 21.83 14.69 1.05
N LYS A 565 22.80 15.61 1.23
CA LYS A 565 22.68 16.77 2.10
C LYS A 565 22.40 18.02 1.26
N PRO A 566 21.20 18.62 1.40
CA PRO A 566 20.86 19.82 0.62
C PRO A 566 21.89 20.91 0.79
N ARG A 567 22.26 21.54 -0.32
CA ARG A 567 23.27 22.59 -0.32
C ARG A 567 22.73 23.91 0.23
N ASN A 568 23.67 24.84 0.46
CA ASN A 568 23.59 26.18 1.03
C ASN A 568 22.39 27.01 0.57
N PRO A 573 19.14 23.10 -1.25
CA PRO A 573 17.92 23.57 -0.57
C PRO A 573 18.18 24.13 0.87
N GLU A 574 17.64 23.45 1.92
CA GLU A 574 17.67 23.83 3.34
C GLU A 574 18.64 23.01 4.23
N ALA A 575 18.21 22.72 5.48
CA ALA A 575 18.93 21.92 6.47
C ALA A 575 18.29 20.51 6.68
N HIS A 576 17.36 20.09 5.77
CA HIS A 576 16.77 18.74 5.82
C HIS A 576 17.62 17.73 5.05
N PHE A 577 17.13 16.52 4.77
CA PHE A 577 17.94 15.49 4.13
C PHE A 577 17.22 14.77 3.03
N SER A 578 17.97 14.40 1.99
CA SER A 578 17.41 13.72 0.83
C SER A 578 17.77 12.25 0.82
N LEU A 579 16.80 11.38 0.48
CA LEU A 579 17.02 9.94 0.42
C LEU A 579 16.55 9.33 -0.93
N ILE A 580 17.48 8.75 -1.69
CA ILE A 580 17.22 8.09 -2.99
C ILE A 580 16.55 6.71 -2.75
N HIS A 581 15.40 6.45 -3.44
CA HIS A 581 14.64 5.20 -3.38
C HIS A 581 14.53 4.64 -4.81
N TYR A 582 13.92 3.41 -4.98
CA TYR A 582 13.64 2.76 -6.28
C TYR A 582 12.70 3.64 -7.09
N ALA A 583 11.68 4.22 -6.40
CA ALA A 583 10.63 5.07 -6.91
C ALA A 583 11.02 6.56 -6.89
N GLY A 584 12.32 6.83 -6.68
CA GLY A 584 12.91 8.17 -6.69
C GLY A 584 13.26 8.78 -5.36
N THR A 585 14.09 9.85 -5.39
CA THR A 585 14.54 10.61 -4.21
C THR A 585 13.38 11.40 -3.51
N VAL A 586 13.48 11.53 -2.18
CA VAL A 586 12.53 12.23 -1.31
C VAL A 586 13.32 13.10 -0.30
N ASP A 587 12.91 14.37 -0.10
CA ASP A 587 13.52 15.23 0.92
C ASP A 587 12.60 15.24 2.14
N TYR A 588 13.16 14.86 3.31
CA TYR A 588 12.39 14.80 4.55
C TYR A 588 12.79 15.90 5.51
N ASN A 589 11.79 16.65 5.98
CA ASN A 589 11.95 17.75 6.92
C ASN A 589 12.04 17.18 8.33
N ILE A 590 12.90 17.82 9.16
CA ILE A 590 13.12 17.47 10.56
C ILE A 590 12.54 18.59 11.44
N ILE A 591 11.45 18.24 12.10
CA ILE A 591 10.64 19.04 13.03
C ILE A 591 9.85 17.93 13.73
N GLY A 592 9.62 18.07 15.03
CA GLY A 592 9.03 17.00 15.81
C GLY A 592 10.13 15.95 15.85
N TRP A 593 9.98 14.90 15.01
CA TRP A 593 10.87 13.75 14.76
C TRP A 593 11.30 13.04 16.05
N LEU A 594 12.05 13.72 16.92
CA LEU A 594 12.44 13.17 18.22
C LEU A 594 11.17 12.98 19.09
N GLN A 595 10.25 13.97 19.06
CA GLN A 595 8.99 13.95 19.80
C GLN A 595 8.02 12.95 19.19
N LYS A 596 8.04 12.85 17.84
CA LYS A 596 7.24 11.89 17.07
C LYS A 596 7.67 10.47 17.43
N ASN A 597 9.01 10.22 17.49
CA ASN A 597 9.62 8.93 17.80
C ASN A 597 9.39 8.45 19.24
N LYS A 598 9.47 9.36 20.20
CA LYS A 598 9.23 9.00 21.60
C LYS A 598 7.90 9.62 22.05
N ASP A 599 6.80 9.40 21.27
CA ASP A 599 5.45 9.97 21.51
C ASP A 599 5.09 10.02 22.99
N PRO A 600 5.26 11.22 23.62
CA PRO A 600 5.07 11.32 25.07
C PRO A 600 3.74 11.87 25.55
N LEU A 601 3.13 11.15 26.48
CA LEU A 601 1.91 11.54 27.13
C LEU A 601 2.23 11.63 28.63
N ASN A 602 2.09 12.84 29.20
CA ASN A 602 2.38 13.10 30.61
C ASN A 602 1.60 12.11 31.49
N GLU A 603 2.28 11.51 32.49
CA GLU A 603 1.63 10.51 33.34
C GLU A 603 0.35 11.04 33.96
N THR A 604 0.32 12.33 34.33
CA THR A 604 -0.84 13.01 34.92
C THR A 604 -2.09 12.87 34.04
N VAL A 605 -1.96 13.05 32.71
CA VAL A 605 -3.09 12.91 31.79
C VAL A 605 -3.48 11.44 31.63
N VAL A 606 -2.50 10.49 31.73
CA VAL A 606 -2.81 9.05 31.63
C VAL A 606 -3.59 8.64 32.89
N ASP A 607 -3.07 9.03 34.09
CA ASP A 607 -3.66 8.77 35.40
C ASP A 607 -5.06 9.36 35.54
N LEU A 608 -5.32 10.45 34.80
CA LEU A 608 -6.57 11.21 34.75
C LEU A 608 -7.69 10.42 34.07
N TYR A 609 -7.34 9.72 32.98
CA TYR A 609 -8.26 8.99 32.12
C TYR A 609 -8.61 7.59 32.59
N LYS A 610 -7.74 6.93 33.37
CA LYS A 610 -8.04 5.61 33.91
C LYS A 610 -9.24 5.72 34.87
N LYS A 611 -9.28 6.82 35.67
CA LYS A 611 -10.35 7.14 36.63
C LYS A 611 -11.41 7.99 35.91
N SER A 612 -12.19 7.34 35.04
CA SER A 612 -13.22 8.00 34.24
C SER A 612 -14.54 7.22 34.18
N SER A 613 -15.65 7.91 33.87
CA SER A 613 -17.01 7.37 33.79
C SER A 613 -17.20 6.30 32.69
N LEU A 614 -17.23 6.70 31.40
CA LEU A 614 -17.45 5.88 30.20
C LEU A 614 -16.52 4.65 30.12
N LYS A 615 -17.16 3.46 29.99
CA LYS A 615 -16.55 2.14 29.95
C LYS A 615 -15.55 1.94 28.80
N MET A 616 -15.81 2.55 27.62
CA MET A 616 -14.96 2.38 26.45
C MET A 616 -13.56 2.97 26.61
N LEU A 617 -13.45 4.22 27.09
CA LEU A 617 -12.12 4.81 27.25
C LEU A 617 -11.41 4.32 28.49
N SER A 618 -12.14 3.67 29.42
CA SER A 618 -11.56 3.07 30.62
C SER A 618 -10.61 1.97 30.16
N SER A 619 -11.06 1.12 29.19
CA SER A 619 -10.27 0.05 28.58
C SER A 619 -9.12 0.58 27.71
N LEU A 620 -9.19 1.85 27.30
CA LEU A 620 -8.16 2.48 26.45
C LEU A 620 -6.92 2.93 27.23
N PHE A 621 -7.01 2.96 28.56
CA PHE A 621 -5.91 3.41 29.41
C PHE A 621 -5.56 2.39 30.51
N ALA A 622 -6.57 1.66 31.04
CA ALA A 622 -6.36 0.65 32.08
C ALA A 622 -5.74 -0.64 31.54
N ASN A 623 -6.05 -1.04 30.28
CA ASN A 623 -5.49 -2.23 29.64
C ASN A 623 -4.01 -2.05 29.28
N TYR A 624 -3.18 -3.05 29.62
CA TYR A 624 -1.74 -3.04 29.37
C TYR A 624 -1.35 -4.05 28.28
N ALA A 625 -1.93 -5.29 28.33
CA ALA A 625 -1.73 -6.40 27.36
C ALA A 625 -1.81 -5.86 25.94
N GLY A 626 -2.77 -4.96 25.74
CA GLY A 626 -2.97 -4.14 24.57
C GLY A 626 -2.81 -2.74 25.10
N PHE A 627 -1.78 -2.00 24.63
CA PHE A 627 -1.41 -0.61 25.01
C PHE A 627 -1.42 -0.36 26.55
N PHE A 644 12.23 3.14 27.14
CA PHE A 644 11.08 2.43 26.58
C PHE A 644 11.16 2.31 25.04
N GLN A 645 10.31 1.42 24.44
CA GLN A 645 10.25 1.16 22.99
C GLN A 645 9.97 2.41 22.15
N THR A 646 10.92 2.72 21.29
CA THR A 646 10.92 3.87 20.39
C THR A 646 10.18 3.51 19.10
N VAL A 647 9.20 4.35 18.68
CA VAL A 647 8.33 4.17 17.50
C VAL A 647 9.04 3.52 16.30
N SER A 648 10.23 4.01 15.93
CA SER A 648 11.02 3.48 14.80
C SER A 648 11.45 2.02 14.97
N ALA A 649 11.77 1.59 16.21
CA ALA A 649 12.14 0.21 16.54
C ALA A 649 10.93 -0.71 16.48
N LEU A 650 9.73 -0.19 16.84
CA LEU A 650 8.47 -0.93 16.80
C LEU A 650 8.07 -1.15 15.35
N HIS A 651 8.14 -0.10 14.51
CA HIS A 651 7.82 -0.28 13.10
C HIS A 651 8.85 -1.19 12.48
N ARG A 652 10.16 -1.03 12.81
CA ARG A 652 11.21 -1.90 12.27
C ARG A 652 10.88 -3.37 12.54
N GLU A 653 10.46 -3.69 13.78
CA GLU A 653 10.14 -5.06 14.18
C GLU A 653 8.77 -5.54 13.70
N ASN A 654 7.78 -4.64 13.53
CA ASN A 654 6.44 -5.01 13.05
C ASN A 654 6.59 -5.56 11.63
N LEU A 655 7.45 -4.89 10.85
CA LEU A 655 7.81 -5.10 9.45
C LEU A 655 8.66 -6.34 9.32
N ASN A 656 9.66 -6.52 10.23
CA ASN A 656 10.55 -7.69 10.32
C ASN A 656 9.64 -8.93 10.38
N LYS A 657 8.70 -8.93 11.35
CA LYS A 657 7.66 -9.92 11.61
C LYS A 657 6.82 -10.15 10.36
N LEU A 658 6.39 -9.08 9.68
CA LEU A 658 5.58 -9.19 8.47
C LEU A 658 6.31 -9.90 7.32
N MET A 659 7.54 -9.48 7.00
CA MET A 659 8.37 -10.07 5.94
C MET A 659 8.71 -11.54 6.21
N THR A 660 8.86 -11.91 7.51
CA THR A 660 9.15 -13.29 7.92
C THR A 660 7.92 -14.21 7.75
N ASN A 661 6.70 -13.63 7.66
CA ASN A 661 5.47 -14.38 7.44
C ASN A 661 5.43 -14.68 5.97
N LEU A 662 5.59 -13.65 5.14
CA LEU A 662 5.59 -13.71 3.68
C LEU A 662 6.56 -14.73 3.09
N ARG A 663 7.81 -14.80 3.61
CA ARG A 663 8.82 -15.74 3.09
C ARG A 663 8.37 -17.20 3.21
N SER A 664 7.57 -17.49 4.26
CA SER A 664 6.98 -18.79 4.56
C SER A 664 5.61 -18.94 3.85
N THR A 665 5.40 -18.15 2.80
CA THR A 665 4.18 -18.15 1.98
C THR A 665 4.58 -18.08 0.52
N HIS A 666 3.74 -18.63 -0.37
CA HIS A 666 4.05 -18.51 -1.79
C HIS A 666 3.44 -17.19 -2.31
N PRO A 667 4.30 -16.25 -2.78
CA PRO A 667 3.81 -14.94 -3.22
C PRO A 667 3.10 -14.93 -4.57
N HIS A 668 2.21 -13.92 -4.75
CA HIS A 668 1.41 -13.65 -5.96
C HIS A 668 1.42 -12.14 -6.09
N PHE A 669 2.14 -11.60 -7.08
CA PHE A 669 2.27 -10.15 -7.23
C PHE A 669 1.22 -9.51 -8.14
N VAL A 670 0.73 -8.33 -7.70
CA VAL A 670 -0.24 -7.47 -8.38
C VAL A 670 0.44 -6.11 -8.38
N ARG A 671 0.64 -5.53 -9.56
CA ARG A 671 1.30 -4.24 -9.69
C ARG A 671 0.26 -3.24 -10.12
N CYS A 672 -0.01 -2.26 -9.27
CA CYS A 672 -0.98 -1.22 -9.51
C CYS A 672 -0.33 0.00 -10.09
N ILE A 673 -0.60 0.28 -11.37
CA ILE A 673 -0.03 1.44 -12.06
C ILE A 673 -1.05 2.61 -12.10
N ILE A 674 -0.59 3.83 -11.74
CA ILE A 674 -1.45 5.01 -11.74
C ILE A 674 -1.36 5.67 -13.14
N PRO A 675 -2.49 5.95 -13.86
CA PRO A 675 -2.36 6.55 -15.22
C PRO A 675 -1.88 8.00 -15.22
N ASN A 676 -2.36 8.82 -14.25
CA ASN A 676 -2.06 10.23 -14.14
C ASN A 676 -1.99 10.71 -12.69
N GLU A 677 -1.84 12.05 -12.52
CA GLU A 677 -1.74 12.69 -11.20
C GLU A 677 -2.86 13.74 -10.97
N THR A 678 -3.84 13.80 -11.90
CA THR A 678 -4.98 14.71 -11.79
C THR A 678 -6.27 13.95 -11.38
N LYS A 679 -6.12 12.65 -10.94
CA LYS A 679 -7.20 11.75 -10.52
C LYS A 679 -8.38 11.76 -11.52
N SER A 680 -8.04 11.79 -12.86
CA SER A 680 -8.97 11.85 -13.99
C SER A 680 -8.99 10.57 -14.88
N PRO A 681 -10.18 10.11 -15.33
CA PRO A 681 -10.19 8.92 -16.23
C PRO A 681 -9.84 9.27 -17.69
N GLY A 682 -9.65 8.24 -18.52
CA GLY A 682 -9.37 8.35 -19.95
C GLY A 682 -8.01 8.89 -20.38
N VAL A 683 -7.20 9.41 -19.41
CA VAL A 683 -5.86 10.00 -19.64
C VAL A 683 -4.72 9.10 -19.12
N ILE A 684 -3.91 8.54 -20.05
CA ILE A 684 -2.75 7.69 -19.78
C ILE A 684 -1.45 8.44 -20.19
N ASP A 685 -0.75 9.02 -19.20
CA ASP A 685 0.45 9.82 -19.45
C ASP A 685 1.70 9.00 -19.66
N ASN A 686 2.44 9.32 -20.73
CA ASN A 686 3.67 8.67 -21.15
C ASN A 686 4.77 8.63 -20.07
N PRO A 687 5.26 9.75 -19.46
CA PRO A 687 6.36 9.60 -18.46
C PRO A 687 5.92 9.08 -17.10
N LEU A 688 4.64 9.21 -16.77
CA LEU A 688 4.07 8.80 -15.49
C LEU A 688 4.03 7.29 -15.36
N VAL A 689 3.51 6.62 -16.39
CA VAL A 689 3.38 5.18 -16.45
C VAL A 689 4.70 4.51 -16.82
N MET A 690 5.41 5.02 -17.86
CA MET A 690 6.66 4.47 -18.40
C MET A 690 7.82 4.42 -17.40
N HIS A 691 7.61 4.98 -16.18
CA HIS A 691 8.66 4.97 -15.18
C HIS A 691 8.21 4.32 -13.90
N GLN A 692 6.92 3.96 -13.82
CA GLN A 692 6.37 3.16 -12.74
C GLN A 692 6.83 1.73 -13.04
N LEU A 693 6.79 1.35 -14.33
CA LEU A 693 7.23 0.07 -14.85
C LEU A 693 8.76 -0.04 -14.78
N ARG A 694 9.46 1.09 -14.99
CA ARG A 694 10.92 1.15 -14.96
C ARG A 694 11.45 0.83 -13.56
N CYS A 695 10.82 1.43 -12.52
CA CYS A 695 11.17 1.25 -11.11
C CYS A 695 10.58 -0.02 -10.49
N ASN A 696 9.37 -0.44 -10.95
CA ASN A 696 8.72 -1.68 -10.49
C ASN A 696 9.46 -2.91 -11.01
N GLY A 697 10.29 -2.73 -12.03
CA GLY A 697 11.05 -3.79 -12.68
C GLY A 697 10.17 -4.74 -13.45
N VAL A 698 9.18 -4.17 -14.16
CA VAL A 698 8.18 -4.87 -14.96
C VAL A 698 8.82 -5.60 -16.15
N LEU A 699 9.65 -4.87 -16.93
CA LEU A 699 10.34 -5.37 -18.13
C LEU A 699 11.31 -6.52 -17.85
N GLU A 700 12.09 -6.40 -16.76
CA GLU A 700 13.05 -7.43 -16.36
C GLU A 700 12.33 -8.64 -15.79
N GLY A 701 11.11 -8.41 -15.29
CA GLY A 701 10.21 -9.43 -14.76
C GLY A 701 9.56 -10.23 -15.85
N ILE A 702 9.64 -9.75 -17.12
CA ILE A 702 9.15 -10.43 -18.33
C ILE A 702 10.33 -11.25 -18.86
N ARG A 703 11.55 -10.73 -18.66
CA ARG A 703 12.81 -11.41 -18.94
C ARG A 703 12.98 -12.44 -17.80
N ILE A 704 13.78 -13.50 -18.01
CA ILE A 704 14.00 -14.67 -17.13
C ILE A 704 12.69 -15.51 -17.07
N CYS A 705 11.53 -14.85 -17.21
CA CYS A 705 10.23 -15.50 -17.35
C CYS A 705 10.23 -16.02 -18.78
N ARG A 706 11.05 -15.36 -19.64
CA ARG A 706 11.30 -15.66 -21.05
C ARG A 706 12.63 -16.38 -21.26
N LYS A 707 13.71 -15.90 -20.60
CA LYS A 707 15.05 -16.43 -20.77
C LYS A 707 15.32 -17.72 -19.97
N GLY A 708 15.02 -17.70 -18.67
CA GLY A 708 15.23 -18.82 -17.75
C GLY A 708 14.22 -19.95 -17.82
N PHE A 709 14.02 -20.64 -16.68
CA PHE A 709 13.13 -21.80 -16.56
C PHE A 709 12.09 -21.61 -15.44
N PRO A 710 10.84 -21.21 -15.79
CA PRO A 710 9.83 -20.96 -14.74
C PRO A 710 9.21 -22.22 -14.13
N ASN A 711 9.35 -23.38 -14.81
CA ASN A 711 8.79 -24.66 -14.35
C ASN A 711 9.85 -25.61 -13.74
N ARG A 712 9.67 -25.96 -12.47
CA ARG A 712 10.53 -26.87 -11.72
C ARG A 712 9.71 -28.03 -11.16
N ILE A 713 10.23 -29.27 -11.34
CA ILE A 713 9.59 -30.52 -10.87
C ILE A 713 10.67 -31.60 -10.65
N LEU A 714 10.27 -32.78 -10.13
CA LEU A 714 11.17 -33.91 -9.90
C LEU A 714 10.78 -35.12 -10.78
N TYR A 715 10.61 -36.30 -10.18
CA TYR A 715 10.28 -37.54 -10.89
C TYR A 715 8.91 -38.08 -10.45
N GLY A 716 7.98 -37.14 -10.24
CA GLY A 716 6.61 -37.41 -9.82
C GLY A 716 5.58 -36.58 -10.57
N ASP A 717 4.28 -36.77 -10.21
CA ASP A 717 3.10 -36.10 -10.79
C ASP A 717 2.91 -36.42 -12.30
N PHE A 718 3.62 -37.48 -12.79
CA PHE A 718 3.61 -37.97 -14.16
C PHE A 718 4.02 -39.45 -14.19
N ILE A 736 10.56 -49.28 -13.14
CA ILE A 736 10.50 -47.83 -12.90
C ILE A 736 9.31 -47.21 -13.67
N ASP A 737 8.60 -46.26 -13.03
CA ASP A 737 7.44 -45.61 -13.62
C ASP A 737 7.72 -44.17 -14.12
N SER A 738 8.61 -43.41 -13.41
CA SER A 738 9.02 -42.04 -13.76
C SER A 738 10.34 -41.63 -13.07
N ARG A 739 11.41 -41.40 -13.87
CA ARG A 739 12.75 -41.01 -13.38
C ARG A 739 13.58 -40.20 -14.40
N LYS A 740 13.43 -40.49 -15.71
CA LYS A 740 14.21 -39.81 -16.76
C LYS A 740 13.47 -38.66 -17.44
N GLY A 741 14.05 -37.47 -17.37
CA GLY A 741 13.51 -36.26 -17.97
C GLY A 741 13.55 -36.23 -19.48
N ALA A 742 14.58 -36.85 -20.08
CA ALA A 742 14.75 -36.91 -21.54
C ALA A 742 14.14 -38.19 -22.11
N GLU A 743 14.49 -39.35 -21.55
CA GLU A 743 14.05 -40.65 -22.00
C GLU A 743 12.53 -40.86 -21.86
N LYS A 744 11.98 -40.69 -20.63
CA LYS A 744 10.54 -40.90 -20.36
C LYS A 744 9.61 -39.87 -21.01
N LEU A 745 10.14 -38.71 -21.44
CA LEU A 745 9.32 -37.66 -22.06
C LEU A 745 9.51 -37.54 -23.59
N LEU A 746 10.44 -38.34 -24.18
CA LEU A 746 10.71 -38.36 -25.63
C LEU A 746 9.57 -38.98 -26.47
N GLY A 747 8.75 -39.83 -25.85
CA GLY A 747 7.63 -40.49 -26.49
C GLY A 747 6.32 -39.74 -26.33
N ASP A 750 6.34 -36.76 -30.20
CA ASP A 750 6.06 -36.39 -31.59
C ASP A 750 6.38 -34.92 -31.90
N ILE A 751 6.34 -34.03 -30.88
CA ILE A 751 6.62 -32.59 -31.01
C ILE A 751 7.62 -32.09 -29.93
N ASP A 752 8.23 -30.89 -30.16
CA ASP A 752 9.22 -30.19 -29.31
C ASP A 752 10.53 -30.98 -29.11
N HIS A 753 10.73 -31.60 -27.92
CA HIS A 753 11.89 -32.41 -27.50
C HIS A 753 13.23 -31.63 -27.49
N ASN A 754 13.22 -30.31 -27.16
CA ASN A 754 14.47 -29.54 -27.17
C ASN A 754 14.60 -28.43 -26.11
N GLN A 755 13.54 -27.63 -25.85
CA GLN A 755 13.62 -26.50 -24.91
C GLN A 755 13.39 -26.91 -23.44
N TYR A 756 14.50 -27.29 -22.78
CA TYR A 756 14.65 -27.75 -21.39
C TYR A 756 16.17 -27.83 -21.10
N LYS A 757 16.55 -28.20 -19.85
CA LYS A 757 17.93 -28.46 -19.42
C LYS A 757 18.04 -28.88 -17.95
N PHE A 758 18.94 -29.83 -17.69
CA PHE A 758 19.23 -30.41 -16.38
C PHE A 758 20.66 -30.97 -16.36
N GLY A 759 21.11 -31.31 -15.16
CA GLY A 759 22.38 -31.96 -14.88
C GLY A 759 22.11 -33.06 -13.87
N HIS A 760 21.65 -32.64 -12.69
CA HIS A 760 21.22 -33.45 -11.56
C HIS A 760 20.01 -32.74 -10.92
N THR A 761 19.12 -33.53 -10.27
CA THR A 761 17.87 -33.05 -9.66
C THR A 761 17.01 -32.38 -10.76
N LYS A 762 16.83 -33.13 -11.86
CA LYS A 762 16.09 -32.79 -13.07
C LYS A 762 14.61 -32.44 -12.76
N VAL A 763 13.89 -31.60 -13.58
CA VAL A 763 14.33 -30.92 -14.82
C VAL A 763 13.91 -29.43 -14.75
N PHE A 764 14.54 -28.58 -15.59
CA PHE A 764 14.25 -27.17 -15.71
C PHE A 764 13.71 -26.88 -17.12
N PHE A 765 12.38 -26.66 -17.21
CA PHE A 765 11.67 -26.39 -18.48
C PHE A 765 11.21 -24.93 -18.59
N LYS A 766 10.94 -24.45 -19.82
CA LYS A 766 10.44 -23.10 -20.07
C LYS A 766 8.92 -23.03 -19.89
N ALA A 767 8.35 -21.82 -19.77
CA ALA A 767 6.92 -21.57 -19.57
C ALA A 767 6.03 -22.14 -20.68
N GLY A 768 6.55 -22.15 -21.91
CA GLY A 768 5.83 -22.65 -23.09
C GLY A 768 6.00 -24.12 -23.38
N LEU A 769 5.91 -24.98 -22.34
CA LEU A 769 6.02 -26.44 -22.48
C LEU A 769 5.01 -27.16 -21.58
N LEU A 770 4.90 -26.72 -20.30
CA LEU A 770 3.95 -27.29 -19.34
C LEU A 770 2.53 -26.74 -19.53
N GLY A 771 2.42 -25.62 -20.24
CA GLY A 771 1.14 -24.98 -20.58
C GLY A 771 0.37 -25.76 -21.61
N LEU A 772 1.10 -26.54 -22.46
CA LEU A 772 0.56 -27.42 -23.50
C LEU A 772 0.42 -28.85 -22.96
N LEU A 773 1.28 -29.21 -21.97
CA LEU A 773 1.30 -30.53 -21.32
C LEU A 773 0.03 -30.82 -20.52
N GLU A 774 -0.63 -29.77 -20.00
CA GLU A 774 -1.88 -29.84 -19.24
C GLU A 774 -3.08 -29.71 -20.20
N GLU A 775 -3.00 -28.75 -21.16
CA GLU A 775 -4.02 -28.47 -22.16
C GLU A 775 -4.07 -29.56 -23.22
PB ADP B . -4.29 2.88 -3.19
O1B ADP B . -3.32 3.91 -2.82
O2B ADP B . -3.71 2.17 -4.29
O3B ADP B . -4.59 2.00 -1.97
PA ADP B . -7.13 3.38 -3.95
O1A ADP B . -7.98 4.05 -2.87
O2A ADP B . -7.41 1.93 -3.95
O3A ADP B . -5.61 3.70 -3.59
O5' ADP B . -7.47 4.07 -5.37
C5' ADP B . -7.79 5.47 -5.58
C4' ADP B . -9.17 5.67 -6.20
O4' ADP B . -9.16 5.21 -7.57
C3' ADP B . -10.32 4.94 -5.51
O3' ADP B . -10.89 5.75 -4.48
C2' ADP B . -11.29 4.69 -6.67
O2' ADP B . -12.21 5.75 -6.89
C1' ADP B . -10.36 4.52 -7.87
N9 ADP B . -10.04 3.15 -8.24
C8 ADP B . -8.87 2.48 -7.97
N7 ADP B . -8.80 1.29 -8.51
C5 ADP B . -10.02 1.15 -9.15
C6 ADP B . -10.58 0.07 -9.88
N6 ADP B . -9.94 -1.06 -10.15
N1 ADP B . -11.85 0.23 -10.34
C2 ADP B . -12.48 1.39 -10.11
N3 ADP B . -12.04 2.47 -9.46
C4 ADP B . -10.79 2.28 -8.99
P PO4 C . -2.93 5.11 -0.47
O1 PO4 C . -2.60 5.78 0.94
O2 PO4 C . -1.57 4.44 -0.99
O3 PO4 C . -3.51 6.17 -1.42
O4 PO4 C . -4.01 3.96 -0.23
MG MG D . -4.89 2.16 0.14
C1 GOL E . 15.73 20.81 8.88
O1 GOL E . 15.19 19.59 8.38
C2 GOL E . 15.24 22.00 8.08
O2 GOL E . 13.82 21.88 7.88
C3 GOL E . 15.53 23.27 8.85
O3 GOL E . 15.01 24.42 8.20
#